data_9NZ5
#
_entry.id   9NZ5
#
_cell.length_a   1.00
_cell.length_b   1.00
_cell.length_c   1.00
_cell.angle_alpha   90.00
_cell.angle_beta   90.00
_cell.angle_gamma   90.00
#
_symmetry.space_group_name_H-M   'P 1'
#
loop_
_entity.id
_entity.type
_entity.pdbx_description
1 polymer 'Membrane protein'
2 polymer 'FAb B light chain'
3 polymer 'FAb B heavy chain'
#
loop_
_entity_poly.entity_id
_entity_poly.type
_entity_poly.pdbx_seq_one_letter_code
_entity_poly.pdbx_strand_id
1 'polypeptide(L)'
;MSNMTQLTEAQIIAIIKDWNFAWSLIFLLITIVLQYGYPSRSMTVYVFKMFVLWLLWPSSMALSIFSAVYPIDLASQIIS
GIVAAVSAMMWISYFVQSIRLFMRTGSWWSFNPETNCLLNVPFGGTIVVRPLVEDSTSVTAVVTRGHLKMAGMHFGACDY
DRLPKEVTVAKPNVLIYLKMVKRQSYGTNSGVAIYSRYRIGNYRSPPITADIELALLRASNSLEVLFQGPSRGGSGAAAG
SGSGSGSPSRLEEELRRRLTEGSEPEA
;
A,D
2 'polypeptide(L)'
;ASDIVMTQSPASLAVSLGQRATISCKASQSIDYDGDNYMNWYQQKPGQPPKLLIYTTSNLESGIPARFSGSGSGTDFTLN
IHPVEEGDAATYYCQQNNEDPYTFGGGTKLEIKRADAAPTVSIFPPSSEQLTSGGASVVCFLNNFYPKDINVKWKIDGSE
RQNGVLNSWTDQDSKDSTYSMSSTLTLTKDEYERHNSYTCEATHKTSTSPIVKSFNRNEC
;
C,E
3 'polypeptide(L)'
;EVQLQQSGPELVKPGASMKISCKTSGYSFTGYTMNWVKQSHGKNLEWIGLINPYNGDTSYNQKFKGKATLTVDKSSSTAY
MELLSLTSEDSAVYYCEVINTYWGQGTLVTVSAAKTTPPSVYPLAPGSAAQTNSMVTLGCLVKGYFPEPVTVTWNSGSLS
SGVHTFPAVLQSDLYTLSSSVTVPSSTWPSETVTCNVAHPASSTKVDKKIVPRDCGSGSHHHHHH
;
B,F
#
# COMPACT_ATOMS: atom_id res chain seq x y z
N ALA A 10 -23.92 -6.93 73.06
CA ALA A 10 -25.05 -6.01 72.98
C ALA A 10 -24.88 -5.04 71.81
N GLN A 11 -23.63 -4.72 71.49
CA GLN A 11 -23.32 -3.81 70.40
C GLN A 11 -22.91 -4.56 69.12
N ILE A 12 -23.27 -5.83 69.02
CA ILE A 12 -23.01 -6.60 67.80
C ILE A 12 -23.87 -6.08 66.64
N ILE A 13 -25.09 -5.63 66.94
CA ILE A 13 -26.00 -5.14 65.90
C ILE A 13 -25.47 -3.86 65.27
N ALA A 14 -24.84 -3.00 66.07
CA ALA A 14 -24.31 -1.74 65.53
C ALA A 14 -23.13 -1.98 64.59
N ILE A 15 -22.20 -2.86 64.97
CA ILE A 15 -21.07 -3.14 64.09
C ILE A 15 -21.52 -3.96 62.89
N ILE A 16 -22.61 -4.75 63.03
CA ILE A 16 -23.17 -5.46 61.89
C ILE A 16 -23.78 -4.48 60.89
N LYS A 17 -24.49 -3.46 61.40
CA LYS A 17 -25.06 -2.44 60.52
C LYS A 17 -23.97 -1.61 59.84
N ASP A 18 -22.90 -1.28 60.57
CA ASP A 18 -21.77 -0.57 59.99
C ASP A 18 -21.08 -1.39 58.89
N TRP A 19 -20.88 -2.68 59.15
CA TRP A 19 -20.28 -3.58 58.17
C TRP A 19 -21.16 -3.72 56.94
N ASN A 20 -22.48 -3.83 57.14
CA ASN A 20 -23.41 -3.95 56.03
C ASN A 20 -23.44 -2.70 55.18
N PHE A 21 -23.44 -1.52 55.80
CA PHE A 21 -23.43 -0.27 55.06
C PHE A 21 -22.14 -0.08 54.28
N ALA A 22 -21.00 -0.35 54.93
CA ALA A 22 -19.70 -0.20 54.27
C ALA A 22 -19.53 -1.17 53.12
N TRP A 23 -19.93 -2.43 53.31
CA TRP A 23 -19.77 -3.40 52.22
C TRP A 23 -20.81 -3.22 51.13
N SER A 24 -21.98 -2.65 51.43
CA SER A 24 -22.91 -2.28 50.37
C SER A 24 -22.34 -1.15 49.51
N LEU A 25 -21.71 -0.16 50.13
CA LEU A 25 -21.08 0.92 49.37
C LEU A 25 -19.89 0.39 48.54
N ILE A 26 -19.11 -0.52 49.11
CA ILE A 26 -17.98 -1.10 48.38
C ILE A 26 -18.46 -1.96 47.21
N PHE A 27 -19.53 -2.75 47.42
CA PHE A 27 -20.08 -3.57 46.35
C PHE A 27 -20.73 -2.74 45.26
N LEU A 28 -21.23 -1.55 45.61
CA LEU A 28 -21.64 -0.61 44.56
C LEU A 28 -20.43 -0.08 43.80
N LEU A 29 -19.33 0.20 44.50
CA LEU A 29 -18.13 0.75 43.86
C LEU A 29 -17.47 -0.26 42.91
N ILE A 30 -17.52 -1.55 43.24
CA ILE A 30 -16.97 -2.56 42.35
C ILE A 30 -17.88 -2.74 41.12
N THR A 31 -19.19 -2.57 41.28
CA THR A 31 -20.13 -2.87 40.20
C THR A 31 -20.05 -1.85 39.06
N ILE A 32 -19.64 -0.61 39.35
CA ILE A 32 -19.50 0.41 38.33
C ILE A 32 -18.06 0.41 37.82
N VAL A 33 -17.32 -0.66 38.10
CA VAL A 33 -15.99 -0.87 37.57
C VAL A 33 -15.93 -2.08 36.65
N LEU A 34 -16.61 -3.18 37.03
CA LEU A 34 -16.69 -4.36 36.17
C LEU A 34 -17.47 -4.05 34.89
N GLN A 35 -18.63 -3.43 35.03
CA GLN A 35 -19.29 -2.77 33.91
C GLN A 35 -18.99 -1.28 33.98
N TYR A 36 -19.22 -0.60 32.85
CA TYR A 36 -19.08 0.85 32.64
C TYR A 36 -17.63 1.36 32.71
N GLY A 37 -16.66 0.51 33.03
CA GLY A 37 -15.30 0.99 33.23
C GLY A 37 -14.26 0.31 32.37
N TYR A 38 -14.54 -0.91 31.94
CA TYR A 38 -13.61 -1.65 31.09
C TYR A 38 -13.64 -1.22 29.61
N PRO A 39 -14.81 -0.87 28.98
CA PRO A 39 -14.71 -0.21 27.67
C PRO A 39 -14.06 1.17 27.71
N SER A 40 -14.54 2.06 28.58
CA SER A 40 -14.05 3.43 28.65
C SER A 40 -12.80 3.46 29.52
N ARG A 41 -11.63 3.60 28.89
CA ARG A 41 -10.35 3.40 29.56
C ARG A 41 -9.44 4.62 29.47
N SER A 42 -9.96 5.78 29.09
CA SER A 42 -9.15 6.97 28.95
C SER A 42 -9.51 8.08 29.93
N MET A 43 -10.76 8.57 29.90
CA MET A 43 -11.14 9.72 30.71
C MET A 43 -12.30 9.44 31.66
N THR A 44 -13.39 8.86 31.16
CA THR A 44 -14.62 8.73 31.93
C THR A 44 -14.73 7.36 32.57
N VAL A 45 -15.25 7.33 33.80
CA VAL A 45 -15.32 6.19 34.71
C VAL A 45 -13.92 5.58 34.80
N TYR A 46 -12.96 6.38 35.24
CA TYR A 46 -11.58 5.96 35.33
C TYR A 46 -10.96 6.20 36.69
N VAL A 47 -11.35 7.27 37.39
CA VAL A 47 -10.90 7.47 38.76
C VAL A 47 -11.50 6.41 39.67
N PHE A 48 -12.75 6.00 39.41
CA PHE A 48 -13.36 4.91 40.15
C PHE A 48 -12.61 3.60 39.93
N LYS A 49 -12.21 3.34 38.68
CA LYS A 49 -11.44 2.15 38.35
C LYS A 49 -10.07 2.18 39.01
N MET A 50 -9.43 3.35 39.06
CA MET A 50 -8.13 3.49 39.70
C MET A 50 -8.23 3.24 41.20
N PHE A 51 -9.25 3.81 41.84
CA PHE A 51 -9.47 3.61 43.27
C PHE A 51 -9.74 2.15 43.60
N VAL A 52 -10.61 1.51 42.82
CA VAL A 52 -10.97 0.11 43.08
C VAL A 52 -9.78 -0.81 42.83
N LEU A 53 -9.08 -0.63 41.71
CA LEU A 53 -7.94 -1.47 41.38
C LEU A 53 -6.75 -1.22 42.31
N TRP A 54 -6.68 -0.05 42.97
CA TRP A 54 -5.59 0.15 43.91
C TRP A 54 -5.92 -0.41 45.29
N LEU A 55 -7.11 -0.13 45.83
CA LEU A 55 -7.47 -0.69 47.13
C LEU A 55 -7.98 -2.12 47.06
N LEU A 56 -7.94 -2.75 45.88
CA LEU A 56 -8.37 -4.14 45.73
C LEU A 56 -7.46 -5.11 46.48
N TRP A 57 -6.13 -4.99 46.29
CA TRP A 57 -5.21 -5.89 46.98
C TRP A 57 -5.15 -5.72 48.50
N PRO A 58 -4.99 -4.51 49.07
CA PRO A 58 -4.87 -4.44 50.55
C PRO A 58 -6.15 -4.77 51.28
N SER A 59 -7.31 -4.52 50.68
CA SER A 59 -8.57 -4.88 51.33
C SER A 59 -8.76 -6.40 51.34
N SER A 60 -8.32 -7.08 50.28
CA SER A 60 -8.33 -8.54 50.28
C SER A 60 -7.34 -9.11 51.30
N MET A 61 -6.17 -8.48 51.43
CA MET A 61 -5.20 -8.89 52.44
C MET A 61 -5.75 -8.70 53.85
N ALA A 62 -6.44 -7.57 54.08
CA ALA A 62 -7.07 -7.32 55.38
C ALA A 62 -8.22 -8.28 55.65
N LEU A 63 -8.96 -8.67 54.61
CA LEU A 63 -10.03 -9.65 54.79
C LEU A 63 -9.48 -11.03 55.15
N SER A 64 -8.37 -11.43 54.52
CA SER A 64 -7.75 -12.70 54.90
C SER A 64 -7.13 -12.63 56.30
N ILE A 65 -6.60 -11.47 56.68
CA ILE A 65 -6.10 -11.27 58.05
C ILE A 65 -7.24 -11.37 59.06
N PHE A 66 -8.39 -10.76 58.76
CA PHE A 66 -9.56 -10.82 59.63
C PHE A 66 -10.11 -12.25 59.73
N SER A 67 -10.03 -13.01 58.64
CA SER A 67 -10.45 -14.41 58.69
C SER A 67 -9.46 -15.25 59.49
N ALA A 68 -8.17 -14.92 59.44
CA ALA A 68 -7.17 -15.67 60.19
C ALA A 68 -7.19 -15.34 61.68
N VAL A 69 -7.57 -14.10 62.04
CA VAL A 69 -7.57 -13.70 63.44
C VAL A 69 -8.66 -14.41 64.23
N TYR A 70 -9.87 -14.48 63.66
CA TYR A 70 -11.00 -15.21 64.25
C TYR A 70 -11.38 -16.34 63.29
N PRO A 71 -10.66 -17.46 63.34
CA PRO A 71 -10.88 -18.53 62.36
C PRO A 71 -11.89 -19.57 62.83
N ILE A 72 -12.11 -20.56 61.96
CA ILE A 72 -13.03 -21.66 62.23
C ILE A 72 -12.24 -22.91 62.55
N ASP A 73 -11.43 -23.37 61.60
CA ASP A 73 -10.64 -24.59 61.75
C ASP A 73 -9.18 -24.29 61.43
N LEU A 74 -8.33 -25.30 61.63
CA LEU A 74 -6.90 -25.13 61.36
C LEU A 74 -6.63 -25.06 59.86
N ALA A 75 -7.41 -25.79 59.05
CA ALA A 75 -7.30 -25.67 57.60
C ALA A 75 -7.76 -24.30 57.13
N SER A 76 -8.74 -23.71 57.81
CA SER A 76 -9.14 -22.33 57.53
C SER A 76 -8.01 -21.36 57.84
N GLN A 77 -7.27 -21.60 58.94
CA GLN A 77 -6.09 -20.80 59.25
C GLN A 77 -5.02 -20.94 58.17
N ILE A 78 -4.81 -22.16 57.68
CA ILE A 78 -3.79 -22.41 56.66
C ILE A 78 -4.15 -21.70 55.36
N ILE A 79 -5.41 -21.83 54.91
CA ILE A 79 -5.79 -21.22 53.64
C ILE A 79 -5.90 -19.70 53.77
N SER A 80 -6.27 -19.17 54.94
CA SER A 80 -6.33 -17.72 55.12
C SER A 80 -4.92 -17.12 55.17
N GLY A 81 -3.97 -17.82 55.81
CA GLY A 81 -2.60 -17.38 55.79
C GLY A 81 -1.98 -17.45 54.40
N ILE A 82 -2.35 -18.47 53.62
CA ILE A 82 -1.88 -18.59 52.24
C ILE A 82 -2.42 -17.44 51.39
N VAL A 83 -3.71 -17.12 51.55
CA VAL A 83 -4.33 -16.03 50.78
C VAL A 83 -3.73 -14.69 51.16
N ALA A 84 -3.52 -14.46 52.47
CA ALA A 84 -2.90 -13.21 52.91
C ALA A 84 -1.46 -13.08 52.44
N ALA A 85 -0.72 -14.19 52.46
CA ALA A 85 0.67 -14.17 52.01
C ALA A 85 0.77 -13.89 50.51
N VAL A 86 -0.09 -14.52 49.69
CA VAL A 86 -0.01 -14.27 48.26
C VAL A 86 -0.54 -12.88 47.91
N SER A 87 -1.51 -12.36 48.66
CA SER A 87 -1.99 -11.00 48.41
C SER A 87 -0.91 -9.97 48.75
N ALA A 88 -0.20 -10.18 49.87
CA ALA A 88 0.94 -9.33 50.20
C ALA A 88 2.06 -9.49 49.18
N MET A 89 2.22 -10.69 48.61
CA MET A 89 3.24 -10.92 47.59
C MET A 89 2.96 -10.12 46.32
N MET A 90 1.72 -10.17 45.82
CA MET A 90 1.40 -9.37 44.64
C MET A 90 1.38 -7.88 44.92
N TRP A 91 1.00 -7.45 46.12
CA TRP A 91 1.06 -6.02 46.44
C TRP A 91 2.51 -5.52 46.52
N ILE A 92 3.40 -6.33 47.12
CA ILE A 92 4.82 -5.97 47.19
C ILE A 92 5.44 -5.98 45.81
N SER A 93 5.07 -6.95 44.96
CA SER A 93 5.57 -7.01 43.59
C SER A 93 5.09 -5.82 42.77
N TYR A 94 3.83 -5.39 42.97
CA TYR A 94 3.34 -4.18 42.31
C TYR A 94 4.11 -2.95 42.75
N PHE A 95 4.45 -2.87 44.02
CA PHE A 95 5.15 -1.66 44.51
C PHE A 95 6.61 -1.67 44.02
N VAL A 96 7.21 -2.85 43.92
CA VAL A 96 8.58 -2.94 43.42
C VAL A 96 8.64 -2.58 41.93
N GLN A 97 7.73 -3.15 41.13
CA GLN A 97 7.72 -2.85 39.69
C GLN A 97 7.34 -1.41 39.41
N SER A 98 6.41 -0.85 40.19
CA SER A 98 6.00 0.53 39.99
C SER A 98 7.11 1.51 40.39
N ILE A 99 7.84 1.20 41.46
CA ILE A 99 8.96 2.06 41.88
C ILE A 99 10.09 1.98 40.86
N ARG A 100 10.34 0.79 40.29
CA ARG A 100 11.34 0.66 39.23
C ARG A 100 10.95 1.45 37.99
N LEU A 101 9.67 1.37 37.59
CA LEU A 101 9.21 2.11 36.42
C LEU A 101 9.21 3.62 36.65
N PHE A 102 8.91 4.06 37.88
CA PHE A 102 8.97 5.49 38.19
C PHE A 102 10.41 5.98 38.24
N MET A 103 11.34 5.15 38.70
CA MET A 103 12.74 5.55 38.73
C MET A 103 13.33 5.61 37.32
N ARG A 104 12.90 4.69 36.44
CA ARG A 104 13.39 4.74 35.06
C ARG A 104 12.74 5.87 34.26
N THR A 105 11.44 6.10 34.47
CA THR A 105 10.72 7.17 33.80
C THR A 105 9.96 7.97 34.84
N GLY A 106 10.34 9.24 35.02
CA GLY A 106 9.75 10.06 36.06
C GLY A 106 8.37 10.61 35.71
N SER A 107 7.37 9.74 35.69
CA SER A 107 5.99 10.14 35.43
C SER A 107 5.08 9.47 36.44
N TRP A 108 3.99 10.16 36.79
CA TRP A 108 3.02 9.63 37.74
C TRP A 108 2.25 8.44 37.18
N TRP A 109 2.16 8.33 35.85
CA TRP A 109 1.46 7.24 35.19
C TRP A 109 2.12 5.88 35.41
N SER A 110 3.33 5.83 35.95
CA SER A 110 3.94 4.59 36.37
C SER A 110 3.30 3.99 37.62
N PHE A 111 2.46 4.74 38.32
CA PHE A 111 1.90 4.27 39.58
C PHE A 111 0.54 3.59 39.45
N ASN A 112 0.04 3.43 38.22
CA ASN A 112 -1.22 2.70 38.02
C ASN A 112 -1.03 1.21 38.25
N PRO A 113 -2.07 0.50 38.70
CA PRO A 113 -1.92 -0.94 39.02
C PRO A 113 -2.31 -1.89 37.89
N GLU A 114 -2.66 -1.42 36.70
CA GLU A 114 -3.06 -2.33 35.64
C GLU A 114 -1.84 -2.98 35.01
N THR A 115 -0.94 -2.17 34.45
CA THR A 115 0.22 -2.66 33.74
C THR A 115 1.44 -1.85 34.17
N ASN A 116 2.62 -2.45 34.02
CA ASN A 116 3.88 -1.80 34.33
C ASN A 116 4.62 -1.36 33.07
N CYS A 117 3.89 -1.06 32.00
CA CYS A 117 4.48 -0.60 30.76
C CYS A 117 3.80 0.71 30.36
N LEU A 118 4.61 1.66 29.90
CA LEU A 118 4.12 2.97 29.50
C LEU A 118 4.42 3.21 28.03
N LEU A 119 3.59 4.01 27.38
CA LEU A 119 3.79 4.40 25.99
C LEU A 119 4.02 5.90 25.97
N ASN A 120 5.17 6.31 25.42
CA ASN A 120 5.57 7.70 25.29
C ASN A 120 5.49 8.08 23.81
N VAL A 121 4.71 9.11 23.51
CA VAL A 121 4.44 9.55 22.15
C VAL A 121 4.88 11.00 22.03
N PRO A 122 5.75 11.33 21.07
CA PRO A 122 6.17 12.73 20.90
C PRO A 122 5.13 13.62 20.23
N PHE A 123 4.23 14.18 21.01
CA PHE A 123 3.13 14.99 20.51
C PHE A 123 3.46 16.46 20.77
N GLY A 124 3.54 17.25 19.70
CA GLY A 124 3.46 18.70 19.77
C GLY A 124 4.58 19.38 20.51
N GLY A 125 5.80 18.85 20.44
CA GLY A 125 6.90 19.37 21.21
C GLY A 125 7.02 18.82 22.61
N THR A 126 6.00 18.10 23.09
CA THR A 126 6.03 17.43 24.38
C THR A 126 6.00 15.92 24.15
N ILE A 127 6.09 15.18 25.24
CA ILE A 127 5.94 13.72 25.21
C ILE A 127 4.76 13.38 26.10
N VAL A 128 3.79 12.66 25.53
CA VAL A 128 2.60 12.24 26.26
C VAL A 128 2.78 10.78 26.65
N VAL A 129 2.61 10.49 27.94
CA VAL A 129 2.80 9.16 28.49
C VAL A 129 1.45 8.63 28.93
N ARG A 130 1.08 7.46 28.43
CA ARG A 130 -0.13 6.78 28.88
C ARG A 130 0.18 5.31 29.10
N PRO A 131 -0.52 4.65 30.04
CA PRO A 131 -0.31 3.22 30.23
C PRO A 131 -0.73 2.40 29.01
N LEU A 132 -0.01 1.32 28.77
CA LEU A 132 -0.19 0.50 27.58
C LEU A 132 -0.41 -0.94 28.03
N VAL A 133 -1.64 -1.44 27.87
CA VAL A 133 -1.94 -2.82 28.22
C VAL A 133 -1.76 -3.75 27.03
N GLU A 134 -2.16 -3.30 25.85
CA GLU A 134 -2.06 -4.11 24.63
C GLU A 134 -0.65 -4.00 24.05
N ASP A 135 0.28 -4.68 24.72
CA ASP A 135 1.68 -4.66 24.33
C ASP A 135 1.98 -5.84 23.41
N SER A 136 2.58 -5.55 22.26
CA SER A 136 3.00 -6.57 21.31
C SER A 136 4.18 -6.02 20.52
N THR A 137 4.51 -6.72 19.42
CA THR A 137 5.57 -6.23 18.54
C THR A 137 5.16 -4.94 17.84
N SER A 138 3.91 -4.87 17.38
CA SER A 138 3.41 -3.72 16.65
C SER A 138 2.36 -2.99 17.48
N VAL A 139 2.41 -1.66 17.41
CA VAL A 139 1.45 -0.79 18.09
C VAL A 139 0.75 0.05 17.02
N THR A 140 -0.57 -0.01 16.99
CA THR A 140 -1.33 0.71 15.97
C THR A 140 -1.75 2.09 16.48
N ALA A 141 -2.04 2.98 15.53
CA ALA A 141 -2.45 4.35 15.84
C ALA A 141 -3.49 4.78 14.82
N VAL A 142 -4.60 5.33 15.30
CA VAL A 142 -5.68 5.82 14.45
C VAL A 142 -5.83 7.32 14.64
N VAL A 143 -6.26 8.00 13.57
CA VAL A 143 -6.49 9.44 13.57
C VAL A 143 -7.97 9.66 13.24
N THR A 144 -8.57 10.67 13.87
CA THR A 144 -9.98 11.01 13.67
C THR A 144 -10.12 12.49 13.31
N ARG A 145 -9.33 12.91 12.32
CA ARG A 145 -9.31 14.28 11.76
C ARG A 145 -8.98 15.32 12.84
N GLY A 146 -7.76 15.22 13.36
CA GLY A 146 -7.38 16.04 14.49
C GLY A 146 -7.70 15.41 15.82
N HIS A 147 -7.65 14.08 15.92
CA HIS A 147 -7.95 13.34 17.14
C HIS A 147 -7.32 11.98 16.98
N LEU A 148 -6.34 11.66 17.84
CA LEU A 148 -5.53 10.47 17.66
C LEU A 148 -5.65 9.54 18.85
N LYS A 149 -5.79 8.25 18.56
CA LYS A 149 -5.89 7.21 19.57
C LYS A 149 -4.85 6.13 19.30
N MET A 150 -4.04 5.81 20.31
CA MET A 150 -3.04 4.76 20.20
C MET A 150 -3.34 3.68 21.23
N ALA A 151 -3.56 2.45 20.74
CA ALA A 151 -3.88 1.26 21.54
C ALA A 151 -5.10 1.49 22.43
N GLY A 152 -6.11 2.16 21.90
CA GLY A 152 -7.33 2.41 22.64
C GLY A 152 -7.22 3.46 23.71
N MET A 153 -6.22 4.34 23.62
CA MET A 153 -5.99 5.40 24.60
C MET A 153 -6.10 6.77 23.95
N HIS A 154 -6.71 7.70 24.67
CA HIS A 154 -6.73 9.09 24.25
C HIS A 154 -5.32 9.67 24.33
N PHE A 155 -4.92 10.41 23.29
CA PHE A 155 -3.58 10.94 23.22
C PHE A 155 -3.58 12.37 22.70
N GLY A 156 -4.67 13.10 22.88
CA GLY A 156 -4.72 14.49 22.46
C GLY A 156 -5.49 14.72 21.17
N ALA A 157 -4.99 15.61 20.33
CA ALA A 157 -5.69 16.05 19.12
C ALA A 157 -4.74 16.10 17.93
N CYS A 158 -3.98 15.03 17.73
CA CYS A 158 -2.94 15.02 16.69
C CYS A 158 -3.55 14.91 15.30
N ASP A 159 -2.87 15.53 14.34
CA ASP A 159 -3.26 15.49 12.94
C ASP A 159 -2.67 14.25 12.28
N TYR A 160 -2.73 14.17 10.95
CA TYR A 160 -2.15 13.05 10.22
C TYR A 160 -0.85 13.40 9.51
N ASP A 161 -0.71 14.62 9.00
CA ASP A 161 0.51 15.01 8.31
C ASP A 161 1.67 15.25 9.28
N ARG A 162 1.38 15.39 10.57
CA ARG A 162 2.41 15.55 11.60
C ARG A 162 2.42 14.34 12.53
N LEU A 163 2.29 13.16 11.94
CA LEU A 163 2.35 11.92 12.72
C LEU A 163 3.76 11.68 13.23
N PRO A 164 3.91 11.21 14.47
CA PRO A 164 5.24 10.89 14.98
C PRO A 164 5.81 9.66 14.29
N LYS A 165 7.09 9.75 13.93
CA LYS A 165 7.78 8.66 13.25
C LYS A 165 8.43 7.67 14.20
N GLU A 166 8.45 7.98 15.50
CA GLU A 166 9.08 7.08 16.47
C GLU A 166 8.45 7.31 17.82
N VAL A 167 7.89 6.25 18.41
CA VAL A 167 7.37 6.28 19.77
C VAL A 167 8.22 5.33 20.60
N THR A 168 8.08 5.43 21.92
CA THR A 168 8.81 4.51 22.80
C THR A 168 7.82 3.85 23.75
N VAL A 169 8.20 2.67 24.26
CA VAL A 169 7.53 2.08 25.41
C VAL A 169 8.58 1.85 26.49
N ALA A 170 8.17 2.09 27.73
CA ALA A 170 9.05 2.00 28.89
C ALA A 170 8.58 0.88 29.79
N LYS A 171 9.49 -0.01 30.14
CA LYS A 171 9.25 -1.17 30.98
C LYS A 171 10.16 -1.03 32.19
N PRO A 172 10.01 -1.83 33.26
CA PRO A 172 10.98 -1.75 34.37
C PRO A 172 12.40 -2.11 34.01
N ASN A 173 12.61 -2.91 32.95
CA ASN A 173 13.95 -3.31 32.56
C ASN A 173 14.46 -2.59 31.31
N VAL A 174 13.70 -2.62 30.23
CA VAL A 174 14.16 -2.13 28.93
C VAL A 174 13.35 -0.92 28.52
N LEU A 175 13.85 -0.22 27.50
CA LEU A 175 13.11 0.83 26.80
C LEU A 175 13.14 0.48 25.32
N ILE A 176 11.96 0.26 24.74
CA ILE A 176 11.87 -0.25 23.39
C ILE A 176 11.39 0.86 22.47
N TYR A 177 12.17 1.14 21.43
CA TYR A 177 11.81 2.13 20.43
C TYR A 177 10.98 1.48 19.32
N LEU A 178 10.09 2.26 18.73
CA LEU A 178 9.18 1.77 17.69
C LEU A 178 9.12 2.81 16.59
N LYS A 179 9.50 2.42 15.38
CA LYS A 179 9.47 3.32 14.23
C LYS A 179 8.22 3.06 13.41
N MET A 180 7.74 4.12 12.74
CA MET A 180 6.58 4.00 11.88
C MET A 180 6.98 3.32 10.58
N VAL A 181 6.44 2.13 10.35
CA VAL A 181 6.79 1.34 9.17
C VAL A 181 5.83 1.66 8.03
N LYS A 182 4.53 1.46 8.26
CA LYS A 182 3.56 1.66 7.20
C LYS A 182 2.32 2.38 7.73
N ARG A 183 1.77 3.23 6.86
CA ARG A 183 0.59 4.04 7.13
C ARG A 183 -0.32 4.01 5.92
N GLN A 184 -1.61 4.29 6.17
CA GLN A 184 -2.60 4.44 5.12
C GLN A 184 -3.56 5.56 5.51
N SER A 185 -3.93 6.38 4.53
CA SER A 185 -4.78 7.55 4.76
C SER A 185 -6.19 7.27 4.24
N TYR A 186 -7.18 7.56 5.08
CA TYR A 186 -8.58 7.49 4.68
C TYR A 186 -9.28 8.77 5.10
N GLY A 187 -10.23 9.20 4.29
CA GLY A 187 -10.95 10.42 4.61
C GLY A 187 -10.13 11.66 4.29
N THR A 188 -10.66 12.80 4.77
CA THR A 188 -10.02 14.08 4.50
C THR A 188 -8.76 14.27 5.34
N ASN A 189 -8.82 13.90 6.62
CA ASN A 189 -7.72 14.15 7.54
C ASN A 189 -7.39 12.97 8.45
N SER A 190 -8.11 11.86 8.34
CA SER A 190 -7.87 10.71 9.19
C SER A 190 -6.77 9.84 8.62
N GLY A 191 -6.34 8.85 9.39
CA GLY A 191 -5.32 7.91 8.93
C GLY A 191 -5.07 6.85 9.97
N VAL A 192 -4.40 5.78 9.53
CA VAL A 192 -4.03 4.68 10.41
C VAL A 192 -2.58 4.30 10.12
N ALA A 193 -1.74 4.29 11.16
CA ALA A 193 -0.35 3.94 11.03
C ALA A 193 0.00 2.81 12.01
N ILE A 194 1.09 2.11 11.72
CA ILE A 194 1.59 1.08 12.62
C ILE A 194 3.00 1.44 13.05
N TYR A 195 3.43 0.84 14.16
CA TYR A 195 4.77 1.05 14.71
C TYR A 195 5.35 -0.30 15.07
N SER A 196 6.46 -0.66 14.43
CA SER A 196 7.14 -1.92 14.68
C SER A 196 8.44 -1.69 15.43
N ARG A 197 8.89 -2.72 16.12
CA ARG A 197 10.02 -2.58 17.05
C ARG A 197 11.34 -2.46 16.32
N TYR A 198 12.22 -1.63 16.88
CA TYR A 198 13.63 -1.59 16.50
C TYR A 198 14.41 -1.07 17.71
N ARG A 199 15.62 -1.61 17.91
CA ARG A 199 16.62 -1.08 18.85
C ARG A 199 16.11 -1.02 20.28
N ILE A 200 15.93 -2.20 20.88
CA ILE A 200 15.65 -2.23 22.31
C ILE A 200 16.89 -1.75 23.07
N GLY A 201 16.70 -0.86 24.04
CA GLY A 201 17.79 -0.34 24.83
C GLY A 201 17.65 -0.73 26.28
N ASN A 202 18.54 -1.60 26.74
CA ASN A 202 18.49 -2.13 28.10
C ASN A 202 19.52 -1.38 28.94
N TYR A 203 19.06 -0.29 29.57
CA TYR A 203 19.94 0.49 30.43
C TYR A 203 20.20 -0.22 31.75
N ILE B 12 -24.82 -17.91 65.60
CA ILE B 12 -24.07 -17.02 66.48
C ILE B 12 -22.63 -17.55 66.56
N ILE B 13 -21.67 -16.63 66.74
CA ILE B 13 -20.24 -16.89 66.90
C ILE B 13 -19.65 -17.56 65.66
N ALA B 14 -20.02 -18.81 65.41
CA ALA B 14 -19.55 -19.53 64.23
C ALA B 14 -20.16 -18.97 62.95
N ILE B 15 -21.35 -18.37 63.07
CA ILE B 15 -22.05 -17.81 61.91
C ILE B 15 -21.27 -16.62 61.32
N ILE B 16 -20.79 -15.72 62.19
CA ILE B 16 -20.03 -14.58 61.68
C ILE B 16 -18.64 -15.02 61.21
N LYS B 17 -18.13 -16.15 61.73
CA LYS B 17 -16.87 -16.69 61.22
C LYS B 17 -17.05 -17.24 59.81
N ASP B 18 -18.15 -17.97 59.57
CA ASP B 18 -18.46 -18.44 58.22
C ASP B 18 -18.74 -17.27 57.28
N TRP B 19 -19.37 -16.22 57.78
CA TRP B 19 -19.63 -15.02 56.98
C TRP B 19 -18.33 -14.33 56.59
N ASN B 20 -17.38 -14.23 57.53
CA ASN B 20 -16.08 -13.62 57.25
C ASN B 20 -15.27 -14.45 56.24
N PHE B 21 -15.30 -15.78 56.39
CA PHE B 21 -14.61 -16.65 55.46
C PHE B 21 -15.22 -16.55 54.06
N ALA B 22 -16.55 -16.54 53.97
CA ALA B 22 -17.22 -16.41 52.68
C ALA B 22 -16.94 -15.06 52.03
N TRP B 23 -16.92 -13.98 52.83
CA TRP B 23 -16.64 -12.66 52.30
C TRP B 23 -15.21 -12.54 51.79
N SER B 24 -14.24 -13.09 52.54
CA SER B 24 -12.86 -13.09 52.08
C SER B 24 -12.68 -13.93 50.82
N LEU B 25 -13.35 -15.08 50.74
CA LEU B 25 -13.25 -15.92 49.55
C LEU B 25 -13.85 -15.24 48.32
N ILE B 26 -15.04 -14.66 48.45
CA ILE B 26 -15.68 -14.04 47.29
C ILE B 26 -14.94 -12.75 46.91
N PHE B 27 -14.31 -12.07 47.87
CA PHE B 27 -13.48 -10.94 47.50
C PHE B 27 -12.20 -11.39 46.81
N LEU B 28 -11.73 -12.61 47.12
CA LEU B 28 -10.59 -13.15 46.37
C LEU B 28 -10.97 -13.48 44.93
N LEU B 29 -12.16 -14.05 44.69
CA LEU B 29 -12.59 -14.21 43.29
C LEU B 29 -12.84 -12.89 42.57
N ILE B 30 -13.35 -11.88 43.28
CA ILE B 30 -13.49 -10.54 42.68
C ILE B 30 -12.11 -9.97 42.36
N THR B 31 -11.12 -10.23 43.22
CA THR B 31 -9.74 -9.84 42.99
C THR B 31 -9.15 -10.52 41.75
N ILE B 32 -9.38 -11.82 41.61
CA ILE B 32 -8.86 -12.56 40.45
C ILE B 32 -9.53 -12.11 39.16
N VAL B 33 -10.85 -11.95 39.18
CA VAL B 33 -11.60 -11.58 37.99
C VAL B 33 -11.37 -10.13 37.58
N LEU B 34 -11.06 -9.23 38.51
CA LEU B 34 -10.83 -7.84 38.11
C LEU B 34 -9.44 -7.61 37.51
N GLN B 35 -8.40 -8.23 38.08
CA GLN B 35 -7.04 -8.02 37.59
C GLN B 35 -6.68 -8.91 36.40
N TYR B 36 -7.55 -9.84 36.02
CA TYR B 36 -7.25 -10.78 34.94
C TYR B 36 -8.49 -10.97 34.09
N GLY B 37 -8.34 -11.70 32.99
CA GLY B 37 -9.46 -11.93 32.10
C GLY B 37 -9.61 -10.87 31.03
N TYR B 38 -10.07 -9.68 31.41
CA TYR B 38 -10.09 -8.59 30.42
C TYR B 38 -8.70 -8.01 30.22
N PRO B 39 -8.01 -7.37 31.25
CA PRO B 39 -6.76 -6.70 30.91
C PRO B 39 -5.52 -7.57 31.09
N SER B 40 -5.55 -8.82 30.65
CA SER B 40 -4.34 -9.64 30.66
C SER B 40 -3.75 -9.80 29.27
N ARG B 41 -4.49 -10.43 28.36
CA ARG B 41 -4.15 -10.46 26.94
C ARG B 41 -5.39 -10.41 26.07
N SER B 42 -6.59 -10.25 26.67
CA SER B 42 -7.90 -10.20 26.01
C SER B 42 -8.16 -11.47 25.18
N MET B 43 -8.17 -12.61 25.87
CA MET B 43 -8.67 -13.85 25.30
C MET B 43 -10.15 -14.01 25.65
N THR B 44 -10.71 -15.20 25.44
CA THR B 44 -12.14 -15.43 25.48
C THR B 44 -12.65 -15.93 26.83
N VAL B 45 -12.04 -15.50 27.94
CA VAL B 45 -12.50 -15.88 29.27
C VAL B 45 -13.35 -14.79 29.91
N TYR B 46 -14.06 -14.00 29.10
CA TYR B 46 -14.90 -12.88 29.55
C TYR B 46 -16.12 -13.34 30.35
N VAL B 47 -16.38 -14.66 30.36
CA VAL B 47 -17.46 -15.23 31.17
C VAL B 47 -17.15 -15.07 32.66
N PHE B 48 -15.87 -14.89 32.98
CA PHE B 48 -15.48 -14.67 34.39
C PHE B 48 -16.14 -13.37 34.85
N LYS B 49 -15.85 -12.28 34.16
CA LYS B 49 -16.44 -10.99 34.51
C LYS B 49 -17.96 -11.04 34.43
N MET B 50 -18.50 -11.80 33.48
CA MET B 50 -19.95 -11.98 33.37
C MET B 50 -20.53 -12.68 34.59
N PHE B 51 -19.85 -13.74 35.04
CA PHE B 51 -20.43 -14.52 36.17
C PHE B 51 -20.23 -13.75 37.48
N VAL B 52 -19.14 -12.99 37.63
CA VAL B 52 -18.97 -12.16 38.82
C VAL B 52 -19.94 -10.99 38.83
N LEU B 53 -20.23 -10.39 37.67
CA LEU B 53 -21.20 -9.30 37.62
C LEU B 53 -22.63 -9.78 37.88
N TRP B 54 -22.99 -10.95 37.34
CA TRP B 54 -24.27 -11.57 37.65
C TRP B 54 -24.38 -12.00 39.11
N LEU B 55 -23.27 -12.29 39.77
CA LEU B 55 -23.32 -12.52 41.21
C LEU B 55 -23.44 -11.21 41.99
N LEU B 56 -22.77 -10.16 41.53
CA LEU B 56 -22.65 -8.94 42.31
C LEU B 56 -23.81 -7.97 42.13
N TRP B 57 -24.66 -8.15 41.10
CA TRP B 57 -25.85 -7.32 41.01
C TRP B 57 -26.86 -7.62 42.13
N PRO B 58 -27.35 -8.87 42.31
CA PRO B 58 -28.28 -9.09 43.42
C PRO B 58 -27.61 -9.11 44.78
N SER B 59 -26.29 -9.31 44.84
CA SER B 59 -25.57 -9.17 46.11
C SER B 59 -25.61 -7.72 46.58
N SER B 60 -25.34 -6.77 45.68
CA SER B 60 -25.43 -5.36 46.02
C SER B 60 -26.87 -4.96 46.33
N MET B 61 -27.83 -5.53 45.59
CA MET B 61 -29.25 -5.32 45.89
C MET B 61 -29.62 -5.79 47.29
N ALA B 62 -29.16 -7.00 47.67
CA ALA B 62 -29.49 -7.57 48.96
C ALA B 62 -28.84 -6.81 50.09
N LEU B 63 -27.58 -6.40 49.93
CA LEU B 63 -26.91 -5.63 50.97
C LEU B 63 -27.52 -4.24 51.13
N SER B 64 -27.91 -3.59 50.04
CA SER B 64 -28.57 -2.28 50.15
C SER B 64 -29.95 -2.41 50.77
N ILE B 65 -30.69 -3.47 50.44
CA ILE B 65 -32.00 -3.69 51.02
C ILE B 65 -31.90 -4.00 52.51
N PHE B 66 -30.91 -4.82 52.90
CA PHE B 66 -30.72 -5.13 54.31
C PHE B 66 -30.22 -3.93 55.10
N SER B 67 -29.45 -3.04 54.47
CA SER B 67 -29.06 -1.81 55.16
C SER B 67 -30.23 -0.82 55.26
N ALA B 68 -31.14 -0.85 54.30
CA ALA B 68 -32.32 0.01 54.39
C ALA B 68 -33.36 -0.52 55.38
N VAL B 69 -33.42 -1.83 55.58
CA VAL B 69 -34.39 -2.42 56.49
C VAL B 69 -34.02 -2.11 57.94
N TYR B 70 -32.73 -2.24 58.28
CA TYR B 70 -32.23 -1.96 59.63
C TYR B 70 -31.22 -0.83 59.54
N PRO B 71 -31.65 0.43 59.56
CA PRO B 71 -30.73 1.55 59.39
C PRO B 71 -30.16 2.07 60.70
N ILE B 72 -28.94 2.61 60.60
CA ILE B 72 -28.34 3.31 61.73
C ILE B 72 -29.06 4.63 61.97
N ASP B 73 -29.37 5.36 60.91
CA ASP B 73 -30.06 6.64 60.99
C ASP B 73 -30.83 6.85 59.70
N LEU B 74 -31.36 8.06 59.52
CA LEU B 74 -32.13 8.38 58.32
C LEU B 74 -31.25 8.59 57.10
N ALA B 75 -30.06 9.19 57.30
CA ALA B 75 -29.16 9.44 56.19
C ALA B 75 -28.60 8.14 55.61
N SER B 76 -28.26 7.19 56.47
CA SER B 76 -27.81 5.87 56.00
C SER B 76 -28.92 5.13 55.29
N GLN B 77 -30.16 5.29 55.78
CA GLN B 77 -31.32 4.68 55.13
C GLN B 77 -31.54 5.25 53.73
N ILE B 78 -31.44 6.58 53.58
CA ILE B 78 -31.65 7.17 52.28
C ILE B 78 -30.48 6.90 51.34
N ILE B 79 -29.26 6.72 51.87
CA ILE B 79 -28.12 6.37 51.03
C ILE B 79 -28.24 4.94 50.54
N SER B 80 -28.67 4.02 51.42
CA SER B 80 -28.89 2.63 51.01
C SER B 80 -30.03 2.51 50.01
N GLY B 81 -31.09 3.30 50.18
CA GLY B 81 -32.15 3.33 49.19
C GLY B 81 -31.70 3.89 47.85
N ILE B 82 -30.84 4.92 47.88
CA ILE B 82 -30.30 5.51 46.66
C ILE B 82 -29.43 4.51 45.92
N VAL B 83 -28.57 3.78 46.64
CA VAL B 83 -27.70 2.82 45.94
C VAL B 83 -28.48 1.58 45.50
N ALA B 84 -29.57 1.23 46.20
CA ALA B 84 -30.45 0.16 45.72
C ALA B 84 -31.15 0.56 44.43
N ALA B 85 -31.64 1.80 44.36
CA ALA B 85 -32.26 2.28 43.13
C ALA B 85 -31.26 2.42 42.00
N VAL B 86 -30.01 2.79 42.31
CA VAL B 86 -28.97 2.91 41.30
C VAL B 86 -28.59 1.54 40.74
N SER B 87 -28.47 0.53 41.61
CA SER B 87 -28.19 -0.83 41.17
C SER B 87 -29.35 -1.40 40.35
N ALA B 88 -30.58 -1.10 40.76
CA ALA B 88 -31.75 -1.53 39.98
C ALA B 88 -31.78 -0.88 38.60
N MET B 89 -31.47 0.43 38.54
CA MET B 89 -31.46 1.14 37.27
C MET B 89 -30.38 0.61 36.35
N MET B 90 -29.19 0.33 36.88
CA MET B 90 -28.12 -0.17 36.03
C MET B 90 -28.37 -1.62 35.60
N TRP B 91 -29.03 -2.43 36.44
CA TRP B 91 -29.38 -3.80 36.04
C TRP B 91 -30.45 -3.80 34.96
N ILE B 92 -31.45 -2.93 35.08
CA ILE B 92 -32.49 -2.82 34.07
C ILE B 92 -31.92 -2.29 32.76
N SER B 93 -31.01 -1.32 32.84
CA SER B 93 -30.35 -0.80 31.64
C SER B 93 -29.51 -1.87 30.94
N TYR B 94 -28.79 -2.67 31.72
CA TYR B 94 -27.98 -3.76 31.14
C TYR B 94 -28.86 -4.81 30.48
N PHE B 95 -29.97 -5.20 31.14
CA PHE B 95 -30.86 -6.19 30.55
C PHE B 95 -31.56 -5.67 29.30
N VAL B 96 -31.94 -4.38 29.29
CA VAL B 96 -32.60 -3.82 28.12
C VAL B 96 -31.62 -3.76 26.94
N GLN B 97 -30.41 -3.26 27.18
CA GLN B 97 -29.43 -3.13 26.11
C GLN B 97 -28.88 -4.48 25.65
N SER B 98 -28.94 -5.51 26.49
CA SER B 98 -28.48 -6.83 26.07
C SER B 98 -29.59 -7.67 25.44
N ILE B 99 -30.84 -7.46 25.85
CA ILE B 99 -31.96 -8.15 25.24
C ILE B 99 -32.22 -7.59 23.84
N ARG B 100 -32.05 -6.27 23.67
CA ARG B 100 -32.22 -5.65 22.36
C ARG B 100 -31.18 -6.12 21.34
N LEU B 101 -30.06 -6.67 21.79
CA LEU B 101 -29.02 -7.18 20.90
C LEU B 101 -29.04 -8.71 20.80
N PHE B 102 -30.00 -9.38 21.43
CA PHE B 102 -30.10 -10.83 21.34
C PHE B 102 -31.27 -11.32 20.51
N MET B 103 -32.34 -10.54 20.38
CA MET B 103 -33.42 -10.91 19.46
C MET B 103 -33.03 -10.72 18.01
N ARG B 104 -31.96 -9.99 17.73
CA ARG B 104 -31.49 -9.71 16.38
C ARG B 104 -30.33 -10.59 15.96
N THR B 105 -29.37 -10.81 16.85
CA THR B 105 -28.21 -11.66 16.58
C THR B 105 -28.25 -12.89 17.48
N GLY B 106 -27.89 -14.04 16.92
CA GLY B 106 -27.86 -15.26 17.70
C GLY B 106 -26.51 -15.55 18.32
N SER B 107 -25.96 -14.57 19.04
CA SER B 107 -24.65 -14.69 19.67
C SER B 107 -24.77 -14.33 21.14
N TRP B 108 -24.07 -15.11 21.98
CA TRP B 108 -24.08 -14.88 23.42
C TRP B 108 -23.20 -13.70 23.84
N TRP B 109 -22.35 -13.20 22.94
CA TRP B 109 -21.51 -12.04 23.24
C TRP B 109 -22.31 -10.75 23.35
N SER B 110 -23.61 -10.77 23.06
CA SER B 110 -24.49 -9.65 23.42
C SER B 110 -24.66 -9.51 24.92
N PHE B 111 -24.33 -10.54 25.71
CA PHE B 111 -24.39 -10.48 27.16
C PHE B 111 -23.11 -9.92 27.78
N ASN B 112 -22.27 -9.26 26.98
CA ASN B 112 -21.15 -8.51 27.54
C ASN B 112 -21.69 -7.31 28.32
N PRO B 113 -20.96 -6.86 29.36
CA PRO B 113 -21.49 -5.80 30.25
C PRO B 113 -21.79 -4.47 29.59
N GLU B 114 -21.04 -4.08 28.56
CA GLU B 114 -21.36 -2.88 27.79
C GLU B 114 -21.03 -3.16 26.34
N THR B 115 -22.07 -3.29 25.51
CA THR B 115 -21.90 -3.68 24.11
C THR B 115 -23.13 -3.22 23.34
N ASN B 116 -22.90 -2.42 22.29
CA ASN B 116 -23.96 -2.01 21.39
C ASN B 116 -23.71 -2.44 19.97
N CYS B 117 -22.58 -3.08 19.68
CA CYS B 117 -22.27 -3.60 18.35
C CYS B 117 -21.60 -4.95 18.49
N LEU B 118 -21.77 -5.79 17.48
CA LEU B 118 -21.11 -7.09 17.43
C LEU B 118 -20.38 -7.21 16.10
N LEU B 119 -19.12 -7.59 16.14
CA LEU B 119 -18.32 -7.70 14.92
C LEU B 119 -18.23 -9.16 14.50
N ASN B 120 -18.70 -9.46 13.30
CA ASN B 120 -18.64 -10.78 12.69
C ASN B 120 -17.57 -10.76 11.61
N VAL B 121 -16.56 -11.62 11.74
CA VAL B 121 -15.45 -11.68 10.81
C VAL B 121 -15.35 -13.11 10.28
N PRO B 122 -15.53 -13.34 8.99
CA PRO B 122 -15.44 -14.71 8.46
C PRO B 122 -14.04 -15.11 8.03
N PHE B 123 -13.51 -16.19 8.59
CA PHE B 123 -12.30 -16.81 8.05
C PHE B 123 -12.34 -18.30 8.33
N GLY B 124 -11.63 -19.07 7.50
CA GLY B 124 -11.59 -20.52 7.64
C GLY B 124 -12.92 -21.21 7.43
N GLY B 125 -13.85 -20.56 6.75
CA GLY B 125 -15.19 -21.09 6.62
C GLY B 125 -16.11 -20.83 7.79
N THR B 126 -15.68 -20.06 8.79
CA THR B 126 -16.52 -19.78 9.95
C THR B 126 -16.49 -18.30 10.29
N ILE B 127 -17.59 -17.79 10.77
CA ILE B 127 -17.59 -16.42 11.25
C ILE B 127 -17.27 -16.43 12.74
N VAL B 128 -16.57 -15.38 13.17
CA VAL B 128 -16.19 -15.19 14.57
C VAL B 128 -16.82 -13.89 15.04
N VAL B 129 -17.56 -13.95 16.13
CA VAL B 129 -18.32 -12.82 16.66
C VAL B 129 -17.63 -12.33 17.93
N ARG B 130 -17.35 -11.03 17.98
CA ARG B 130 -16.74 -10.41 19.13
C ARG B 130 -17.55 -9.22 19.58
N PRO B 131 -17.71 -9.01 20.91
CA PRO B 131 -18.50 -7.87 21.40
C PRO B 131 -17.74 -6.55 21.28
N LEU B 132 -17.84 -5.97 20.10
CA LEU B 132 -17.20 -4.70 19.80
C LEU B 132 -17.82 -3.58 20.63
N VAL B 133 -16.99 -2.63 21.06
CA VAL B 133 -17.44 -1.58 21.96
C VAL B 133 -17.91 -0.34 21.20
N GLU B 134 -17.15 0.10 20.19
CA GLU B 134 -17.52 1.26 19.38
C GLU B 134 -16.73 1.22 18.09
N ASP B 135 -17.41 1.46 16.96
CA ASP B 135 -16.76 1.50 15.66
C ASP B 135 -16.98 2.85 15.01
N SER B 136 -15.99 3.29 14.26
CA SER B 136 -16.11 4.46 13.42
C SER B 136 -16.67 4.05 12.07
N THR B 137 -16.61 4.95 11.08
CA THR B 137 -17.03 4.63 9.73
C THR B 137 -16.00 3.83 8.95
N SER B 138 -14.86 3.52 9.55
CA SER B 138 -13.79 2.79 8.86
C SER B 138 -12.97 2.06 9.93
N VAL B 139 -13.20 0.76 10.06
CA VAL B 139 -12.49 -0.03 11.07
C VAL B 139 -11.15 -0.49 10.50
N THR B 140 -10.28 -1.01 11.38
CA THR B 140 -8.92 -1.34 11.00
C THR B 140 -8.58 -2.74 11.47
N ALA B 141 -8.10 -3.57 10.54
CA ALA B 141 -7.59 -4.91 10.83
C ALA B 141 -6.07 -4.87 10.91
N VAL B 142 -5.51 -5.54 11.90
CA VAL B 142 -4.06 -5.65 12.04
C VAL B 142 -3.73 -7.14 12.23
N VAL B 143 -2.97 -7.69 11.29
CA VAL B 143 -2.46 -9.05 11.40
C VAL B 143 -1.02 -8.96 11.87
N THR B 144 -0.71 -9.64 12.97
CA THR B 144 0.64 -9.66 13.54
C THR B 144 1.01 -11.12 13.78
N ARG B 145 1.88 -11.64 12.93
CA ARG B 145 2.28 -13.07 12.83
C ARG B 145 1.01 -13.87 12.60
N GLY B 146 0.83 -15.00 13.28
CA GLY B 146 -0.39 -15.78 13.14
C GLY B 146 -1.46 -15.36 14.12
N HIS B 147 -1.91 -14.10 14.03
CA HIS B 147 -2.91 -13.56 14.94
C HIS B 147 -3.54 -12.34 14.29
N LEU B 148 -4.85 -12.18 14.47
CA LEU B 148 -5.60 -11.07 13.90
C LEU B 148 -6.26 -10.27 15.01
N LYS B 149 -6.13 -8.94 14.95
CA LYS B 149 -6.77 -8.03 15.89
C LYS B 149 -7.58 -7.02 15.10
N MET B 150 -8.88 -6.95 15.39
CA MET B 150 -9.79 -6.08 14.66
C MET B 150 -10.56 -5.23 15.66
N ALA B 151 -10.31 -3.91 15.61
CA ALA B 151 -10.85 -2.92 16.55
C ALA B 151 -10.56 -3.29 18.01
N GLY B 152 -9.33 -3.74 18.26
CA GLY B 152 -8.90 -4.04 19.61
C GLY B 152 -9.43 -5.33 20.19
N MET B 153 -9.84 -6.28 19.36
CA MET B 153 -10.36 -7.56 19.83
C MET B 153 -9.57 -8.69 19.17
N HIS B 154 -9.18 -9.67 19.98
CA HIS B 154 -8.35 -10.78 19.50
C HIS B 154 -9.21 -11.77 18.74
N PHE B 155 -9.14 -11.71 17.41
CA PHE B 155 -9.95 -12.55 16.54
C PHE B 155 -9.25 -13.86 16.18
N GLY B 156 -8.74 -14.58 17.18
CA GLY B 156 -8.12 -15.88 16.93
C GLY B 156 -6.84 -15.78 16.13
N ALA B 157 -6.62 -16.78 15.28
CA ALA B 157 -5.47 -16.83 14.39
C ALA B 157 -5.96 -16.81 12.95
N CYS B 158 -5.38 -15.91 12.14
CA CYS B 158 -5.80 -15.76 10.76
C CYS B 158 -4.67 -15.15 9.96
N ASP B 159 -4.37 -15.74 8.80
CA ASP B 159 -3.30 -15.22 7.94
C ASP B 159 -3.73 -13.94 7.25
N TYR B 160 -2.74 -13.16 6.80
CA TYR B 160 -3.04 -11.89 6.16
C TYR B 160 -3.63 -12.08 4.77
N ASP B 161 -3.12 -13.06 4.01
CA ASP B 161 -3.62 -13.28 2.66
C ASP B 161 -5.04 -13.82 2.65
N ARG B 162 -5.42 -14.58 3.67
CA ARG B 162 -6.79 -15.07 3.81
C ARG B 162 -7.58 -14.14 4.73
N LEU B 163 -7.63 -12.87 4.35
CA LEU B 163 -8.44 -11.89 5.05
C LEU B 163 -9.69 -11.59 4.24
N PRO B 164 -10.85 -11.55 4.90
CA PRO B 164 -12.11 -11.36 4.16
C PRO B 164 -12.23 -9.95 3.58
N LYS B 165 -12.87 -9.88 2.41
CA LYS B 165 -13.16 -8.60 1.77
C LYS B 165 -14.51 -8.04 2.19
N GLU B 166 -15.22 -8.71 3.09
CA GLU B 166 -16.50 -8.20 3.59
C GLU B 166 -16.72 -8.71 5.00
N VAL B 167 -16.95 -7.79 5.93
CA VAL B 167 -17.33 -8.11 7.30
C VAL B 167 -18.61 -7.36 7.61
N THR B 168 -19.31 -7.82 8.66
CA THR B 168 -20.57 -7.23 9.06
C THR B 168 -20.49 -6.79 10.52
N VAL B 169 -21.18 -5.71 10.84
CA VAL B 169 -21.37 -5.28 12.23
C VAL B 169 -22.86 -5.05 12.47
N ALA B 170 -23.38 -5.64 13.55
CA ALA B 170 -24.81 -5.77 13.78
C ALA B 170 -25.24 -4.86 14.94
N LYS B 171 -25.65 -3.64 14.60
CA LYS B 171 -26.26 -2.74 15.57
C LYS B 171 -27.69 -3.20 15.88
N PRO B 172 -28.27 -2.78 17.02
CA PRO B 172 -29.64 -3.22 17.33
C PRO B 172 -30.71 -2.72 16.39
N ASN B 173 -30.45 -1.65 15.61
CA ASN B 173 -31.42 -1.18 14.64
C ASN B 173 -31.00 -1.36 13.18
N VAL B 174 -29.70 -1.50 12.89
CA VAL B 174 -29.21 -1.62 11.52
C VAL B 174 -28.13 -2.69 11.44
N LEU B 175 -27.93 -3.20 10.23
CA LEU B 175 -26.81 -4.06 9.87
C LEU B 175 -25.93 -3.27 8.93
N ILE B 176 -24.64 -3.13 9.26
CA ILE B 176 -23.72 -2.34 8.47
C ILE B 176 -22.67 -3.27 7.86
N TYR B 177 -22.53 -3.21 6.55
CA TYR B 177 -21.59 -4.03 5.81
C TYR B 177 -20.33 -3.22 5.52
N LEU B 178 -19.18 -3.73 5.96
CA LEU B 178 -17.89 -3.10 5.70
C LEU B 178 -17.14 -3.94 4.68
N LYS B 179 -16.47 -3.28 3.73
CA LYS B 179 -15.68 -3.96 2.72
C LYS B 179 -14.24 -3.49 2.77
N MET B 180 -13.34 -4.36 2.30
CA MET B 180 -11.90 -4.10 2.34
C MET B 180 -11.56 -3.00 1.36
N VAL B 181 -11.33 -1.80 1.89
CA VAL B 181 -10.97 -0.66 1.05
C VAL B 181 -9.47 -0.60 0.81
N LYS B 182 -8.66 -0.74 1.86
CA LYS B 182 -7.22 -0.66 1.70
C LYS B 182 -6.54 -1.82 2.44
N ARG B 183 -5.35 -2.18 1.98
CA ARG B 183 -4.58 -3.24 2.63
C ARG B 183 -3.10 -3.01 2.36
N GLN B 184 -2.27 -3.57 3.24
CA GLN B 184 -0.82 -3.52 3.09
C GLN B 184 -0.20 -4.63 3.93
N SER B 185 1.04 -4.98 3.59
CA SER B 185 1.80 -5.99 4.33
C SER B 185 3.22 -5.48 4.54
N TYR B 186 3.76 -5.72 5.72
CA TYR B 186 5.12 -5.31 6.04
C TYR B 186 6.03 -6.44 6.51
N GLY B 187 5.49 -7.46 7.17
CA GLY B 187 6.29 -8.57 7.65
C GLY B 187 6.22 -9.77 6.72
N THR B 188 6.49 -10.94 7.28
CA THR B 188 6.38 -12.18 6.52
C THR B 188 4.91 -12.50 6.23
N ASN B 189 4.06 -12.43 7.26
CA ASN B 189 2.63 -12.58 7.09
C ASN B 189 1.85 -11.56 7.91
N SER B 190 2.49 -10.46 8.30
CA SER B 190 1.87 -9.41 9.08
C SER B 190 1.50 -8.23 8.18
N GLY B 191 0.38 -7.59 8.50
CA GLY B 191 -0.07 -6.49 7.66
C GLY B 191 -1.17 -5.69 8.33
N VAL B 192 -1.65 -4.70 7.58
CA VAL B 192 -2.71 -3.80 8.03
C VAL B 192 -3.79 -3.77 6.95
N ALA B 193 -5.00 -3.39 7.35
CA ALA B 193 -6.13 -3.33 6.45
C ALA B 193 -7.13 -2.30 6.97
N ILE B 194 -7.80 -1.63 6.04
CA ILE B 194 -8.77 -0.59 6.36
C ILE B 194 -10.08 -0.97 5.68
N TYR B 195 -11.14 -1.12 6.49
CA TYR B 195 -12.48 -1.46 6.02
C TYR B 195 -13.38 -0.24 6.17
N SER B 196 -14.26 -0.03 5.18
CA SER B 196 -15.17 1.10 5.20
C SER B 196 -16.57 0.62 4.80
N ARG B 197 -17.57 1.37 5.28
CA ARG B 197 -18.96 1.04 4.99
C ARG B 197 -19.28 1.31 3.52
N TYR B 198 -20.10 0.42 2.93
CA TYR B 198 -20.58 0.65 1.58
C TYR B 198 -22.10 0.54 1.51
N ARG B 199 -22.70 -0.27 2.38
CA ARG B 199 -24.14 -0.48 2.37
C ARG B 199 -24.59 -0.80 3.79
N ILE B 200 -25.66 -0.14 4.23
CA ILE B 200 -26.29 -0.44 5.51
C ILE B 200 -27.59 -1.17 5.24
N GLY B 201 -27.94 -2.09 6.12
CA GLY B 201 -29.17 -2.84 6.00
C GLY B 201 -30.12 -2.61 7.15
N ASN B 202 -31.33 -2.15 6.86
CA ASN B 202 -32.27 -1.85 7.92
C ASN B 202 -32.87 -3.14 8.48
N TYR B 203 -32.73 -3.32 9.79
CA TYR B 203 -33.24 -4.50 10.47
C TYR B 203 -34.76 -4.45 10.60
N ASP C 3 31.99 -5.24 23.77
CA ASP C 3 31.88 -6.57 24.34
C ASP C 3 31.53 -7.60 23.27
N ILE C 4 30.70 -7.19 22.32
CA ILE C 4 30.23 -8.08 21.27
C ILE C 4 31.21 -8.03 20.11
N VAL C 5 31.82 -9.17 19.80
CA VAL C 5 32.78 -9.28 18.71
C VAL C 5 32.03 -9.76 17.48
N MET C 6 32.10 -8.98 16.40
CA MET C 6 31.40 -9.28 15.16
C MET C 6 32.41 -9.32 14.02
N THR C 7 32.39 -10.40 13.26
CA THR C 7 33.26 -10.56 12.10
C THR C 7 32.44 -10.96 10.89
N GLN C 8 32.87 -10.50 9.72
CA GLN C 8 32.23 -10.85 8.46
C GLN C 8 33.19 -11.73 7.66
N SER C 9 32.68 -12.90 7.24
CA SER C 9 33.51 -13.85 6.50
C SER C 9 34.00 -13.34 5.14
N PRO C 10 33.19 -12.74 4.26
CA PRO C 10 33.78 -12.22 3.02
C PRO C 10 34.46 -10.87 3.25
N ALA C 11 35.63 -10.72 2.61
CA ALA C 11 36.36 -9.45 2.67
C ALA C 11 36.01 -8.58 1.47
N SER C 12 36.21 -9.10 0.26
CA SER C 12 35.85 -8.41 -0.96
C SER C 12 35.05 -9.36 -1.85
N LEU C 13 34.15 -8.79 -2.65
CA LEU C 13 33.25 -9.57 -3.48
C LEU C 13 33.60 -9.41 -4.95
N ALA C 14 33.23 -10.43 -5.75
CA ALA C 14 33.38 -10.41 -7.20
C ALA C 14 32.11 -11.02 -7.78
N VAL C 15 31.11 -10.18 -8.04
CA VAL C 15 29.80 -10.63 -8.46
C VAL C 15 29.37 -9.78 -9.67
N SER C 16 28.95 -10.46 -10.74
CA SER C 16 28.56 -9.79 -11.97
C SER C 16 27.11 -9.32 -11.88
N LEU C 17 26.58 -8.84 -13.00
CA LEU C 17 25.22 -8.33 -13.03
C LEU C 17 24.24 -9.50 -13.06
N GLY C 18 23.24 -9.45 -12.18
CA GLY C 18 22.20 -10.45 -12.15
C GLY C 18 22.51 -11.70 -11.33
N GLN C 19 23.69 -11.78 -10.73
CA GLN C 19 24.12 -12.98 -10.01
C GLN C 19 23.97 -12.78 -8.51
N ARG C 20 23.89 -13.89 -7.78
CA ARG C 20 23.72 -13.87 -6.34
C ARG C 20 24.96 -13.35 -5.63
N ALA C 21 24.75 -12.41 -4.71
CA ALA C 21 25.81 -11.87 -3.86
C ALA C 21 25.41 -12.11 -2.41
N THR C 22 26.22 -12.87 -1.69
CA THR C 22 25.95 -13.23 -0.30
CA THR C 22 25.95 -13.23 -0.30
C THR C 22 27.02 -12.61 0.60
N ILE C 23 26.56 -11.91 1.64
CA ILE C 23 27.43 -11.33 2.65
C ILE C 23 27.03 -11.92 3.99
N SER C 24 27.98 -12.58 4.66
CA SER C 24 27.71 -13.27 5.91
C SER C 24 28.37 -12.53 7.05
N CYS C 25 27.60 -12.24 8.11
CA CYS C 25 28.07 -11.51 9.28
C CYS C 25 27.72 -12.34 10.51
N LYS C 26 28.64 -13.22 10.90
CA LYS C 26 28.44 -14.11 12.04
C LYS C 26 28.90 -13.42 13.32
N ALA C 27 28.01 -13.31 14.29
CA ALA C 27 28.33 -12.72 15.59
C ALA C 27 28.78 -13.83 16.54
N SER C 28 28.87 -13.50 17.83
CA SER C 28 29.23 -14.47 18.85
C SER C 28 28.26 -14.57 20.02
N GLN C 29 27.53 -13.50 20.36
CA GLN C 29 26.51 -13.55 21.39
C GLN C 29 25.13 -13.69 20.75
N SER C 30 24.12 -13.73 21.60
CA SER C 30 22.73 -13.84 21.14
C SER C 30 22.12 -12.45 21.05
N ILE C 31 21.66 -12.09 19.86
CA ILE C 31 21.12 -10.75 19.60
C ILE C 31 19.61 -10.72 19.73
N ASP C 32 18.96 -11.89 19.81
CA ASP C 32 17.50 -11.96 19.84
C ASP C 32 16.96 -11.48 21.17
N TYR C 33 16.10 -10.46 21.12
CA TYR C 33 15.27 -10.05 22.24
C TYR C 33 13.84 -10.47 21.97
N ASP C 34 13.17 -10.97 23.01
CA ASP C 34 11.82 -11.54 22.96
C ASP C 34 11.75 -12.66 21.92
N GLY C 35 11.29 -12.33 20.72
CA GLY C 35 11.25 -13.30 19.64
C GLY C 35 11.66 -12.73 18.30
N ASP C 36 12.54 -11.72 18.33
CA ASP C 36 12.97 -11.04 17.11
C ASP C 36 14.46 -10.76 17.16
N ASN C 37 15.18 -11.15 16.11
CA ASN C 37 16.57 -10.75 15.96
C ASN C 37 16.63 -9.34 15.39
N TYR C 38 17.60 -8.55 15.87
CA TYR C 38 17.57 -7.10 15.70
C TYR C 38 18.68 -6.58 14.79
N MET C 39 19.31 -7.44 13.99
CA MET C 39 20.47 -7.02 13.21
C MET C 39 20.07 -6.12 12.06
N ASN C 40 20.61 -4.90 12.05
CA ASN C 40 20.43 -3.95 10.97
C ASN C 40 21.52 -4.14 9.91
N TRP C 41 21.13 -4.03 8.65
CA TRP C 41 22.07 -4.09 7.52
C TRP C 41 22.09 -2.74 6.82
N TYR C 42 23.31 -2.20 6.65
CA TYR C 42 23.58 -0.86 6.15
C TYR C 42 24.41 -0.92 4.87
N GLN C 43 24.20 0.08 4.00
CA GLN C 43 24.95 0.25 2.77
C GLN C 43 25.57 1.64 2.75
N GLN C 44 26.87 1.72 2.44
CA GLN C 44 27.58 2.98 2.37
C GLN C 44 28.31 3.09 1.04
N LYS C 45 27.98 4.14 0.27
CA LYS C 45 28.74 4.55 -0.90
C LYS C 45 29.93 5.41 -0.46
N PRO C 46 31.02 5.42 -1.24
CA PRO C 46 32.19 6.21 -0.83
C PRO C 46 31.92 7.71 -0.87
N GLY C 47 32.25 8.38 0.23
CA GLY C 47 31.97 9.80 0.38
C GLY C 47 30.59 10.12 0.89
N GLN C 48 29.82 9.14 1.33
CA GLN C 48 28.45 9.34 1.77
C GLN C 48 28.20 8.64 3.09
N PRO C 49 27.25 9.13 3.89
CA PRO C 49 26.86 8.41 5.11
C PRO C 49 26.16 7.11 4.78
N PRO C 50 26.15 6.14 5.70
CA PRO C 50 25.47 4.87 5.43
C PRO C 50 23.96 5.02 5.30
N LYS C 51 23.38 4.11 4.52
CA LYS C 51 21.95 4.07 4.27
C LYS C 51 21.40 2.75 4.78
N LEU C 52 20.36 2.82 5.60
CA LEU C 52 19.83 1.61 6.24
C LEU C 52 19.03 0.80 5.23
N LEU C 53 19.32 -0.50 5.16
CA LEU C 53 18.55 -1.39 4.30
C LEU C 53 17.60 -2.25 5.11
N ILE C 54 18.10 -2.97 6.11
CA ILE C 54 17.34 -4.01 6.79
C ILE C 54 17.24 -3.69 8.28
N TYR C 55 16.01 -3.68 8.83
CA TYR C 55 15.87 -3.33 10.24
C TYR C 55 16.10 -4.51 11.17
N THR C 56 15.10 -5.39 11.23
CA THR C 56 15.08 -6.50 12.18
C THR C 56 15.30 -7.81 11.42
N THR C 57 16.46 -7.92 10.73
CA THR C 57 17.00 -9.11 10.08
C THR C 57 16.18 -9.56 8.85
N SER C 58 14.96 -9.08 8.71
CA SER C 58 14.09 -9.48 7.60
C SER C 58 13.43 -8.30 6.91
N ASN C 59 13.05 -7.27 7.64
CA ASN C 59 12.28 -6.16 7.08
C ASN C 59 13.15 -5.29 6.19
N LEU C 60 12.50 -4.47 5.37
CA LEU C 60 13.17 -3.65 4.38
C LEU C 60 12.83 -2.18 4.60
N GLU C 61 13.80 -1.32 4.30
CA GLU C 61 13.57 0.12 4.33
C GLU C 61 12.58 0.53 3.24
N SER C 62 11.71 1.47 3.56
CA SER C 62 10.82 2.05 2.57
C SER C 62 11.61 2.92 1.61
N GLY C 63 11.59 2.57 0.33
CA GLY C 63 12.40 3.21 -0.68
C GLY C 63 13.62 2.43 -1.10
N ILE C 64 14.05 1.45 -0.30
CA ILE C 64 15.11 0.52 -0.69
C ILE C 64 14.47 -0.62 -1.45
N PRO C 65 14.95 -0.95 -2.65
CA PRO C 65 14.28 -1.97 -3.46
C PRO C 65 14.47 -3.37 -2.89
N ALA C 66 13.65 -4.29 -3.40
CA ALA C 66 13.59 -5.67 -2.91
C ALA C 66 14.71 -6.55 -3.45
N ARG C 67 15.73 -5.98 -4.08
CA ARG C 67 16.91 -6.75 -4.47
C ARG C 67 17.68 -7.25 -3.25
N PHE C 68 17.71 -6.45 -2.18
CA PHE C 68 18.39 -6.83 -0.95
C PHE C 68 17.43 -7.60 -0.06
N SER C 69 17.86 -8.75 0.43
CA SER C 69 17.08 -9.56 1.34
C SER C 69 17.94 -9.96 2.53
N GLY C 70 17.31 -10.06 3.69
CA GLY C 70 17.96 -10.49 4.91
C GLY C 70 17.40 -11.83 5.38
N SER C 71 18.27 -12.67 5.92
CA SER C 71 17.87 -13.98 6.40
C SER C 71 18.72 -14.32 7.62
N GLY C 72 18.62 -15.57 8.06
CA GLY C 72 19.40 -16.04 9.18
C GLY C 72 18.77 -15.71 10.51
N SER C 73 19.16 -16.46 11.53
CA SER C 73 18.65 -16.26 12.88
C SER C 73 19.65 -16.81 13.89
N GLY C 74 19.61 -16.27 15.10
CA GLY C 74 20.43 -16.74 16.18
C GLY C 74 21.85 -16.20 16.18
N THR C 75 22.71 -16.74 15.33
CA THR C 75 24.11 -16.32 15.30
C THR C 75 24.57 -16.03 13.88
N ASP C 76 24.02 -16.72 12.90
CA ASP C 76 24.43 -16.59 11.51
C ASP C 76 23.43 -15.76 10.74
N PHE C 77 23.93 -14.80 9.96
CA PHE C 77 23.10 -13.86 9.24
C PHE C 77 23.66 -13.68 7.83
N THR C 78 22.78 -13.36 6.88
CA THR C 78 23.19 -13.26 5.48
C THR C 78 22.39 -12.17 4.78
N LEU C 79 23.09 -11.29 4.07
CA LEU C 79 22.49 -10.33 3.15
C LEU C 79 22.66 -10.87 1.73
N ASN C 80 21.55 -10.96 1.01
CA ASN C 80 21.51 -11.63 -0.29
C ASN C 80 20.96 -10.69 -1.36
N ILE C 81 21.66 -10.61 -2.49
CA ILE C 81 21.21 -9.85 -3.65
C ILE C 81 21.21 -10.77 -4.87
N HIS C 82 20.02 -11.14 -5.36
CA HIS C 82 19.93 -11.76 -6.69
C HIS C 82 20.11 -10.73 -7.81
N PRO C 83 19.27 -9.66 -7.95
CA PRO C 83 19.49 -8.80 -9.13
C PRO C 83 20.50 -7.69 -8.86
N VAL C 84 21.79 -8.06 -8.90
CA VAL C 84 22.86 -7.10 -8.70
C VAL C 84 22.91 -6.18 -9.91
N GLU C 85 22.75 -4.89 -9.67
CA GLU C 85 22.64 -3.88 -10.71
C GLU C 85 23.93 -3.09 -10.82
N GLU C 86 23.92 -2.06 -11.67
CA GLU C 86 25.11 -1.25 -11.88
C GLU C 86 25.37 -0.33 -10.68
N GLY C 87 24.31 0.21 -10.08
CA GLY C 87 24.46 1.05 -8.92
C GLY C 87 24.45 0.25 -7.63
N ASP C 88 25.46 -0.61 -7.45
CA ASP C 88 25.51 -1.51 -6.30
C ASP C 88 26.86 -1.55 -5.59
N ALA C 89 27.96 -1.15 -6.24
CA ALA C 89 29.30 -1.28 -5.67
C ALA C 89 29.46 -0.34 -4.49
N ALA C 90 29.58 -0.92 -3.29
CA ALA C 90 29.52 -0.14 -2.06
C ALA C 90 30.21 -0.94 -0.96
N THR C 91 29.98 -0.54 0.29
CA THR C 91 30.45 -1.30 1.45
C THR C 91 29.26 -1.56 2.37
N TYR C 92 29.09 -2.81 2.80
CA TYR C 92 27.93 -3.23 3.54
C TYR C 92 28.32 -3.61 4.97
N TYR C 93 27.49 -3.19 5.93
CA TYR C 93 27.77 -3.32 7.35
C TYR C 93 26.60 -3.97 8.07
N CYS C 94 26.91 -4.56 9.23
CA CYS C 94 25.93 -5.19 10.10
C CYS C 94 26.04 -4.57 11.50
N GLN C 95 24.89 -4.39 12.15
CA GLN C 95 24.82 -3.82 13.48
C GLN C 95 23.87 -4.65 14.33
N GLN C 96 24.19 -4.82 15.63
CA GLN C 96 23.38 -5.70 16.47
C GLN C 96 22.05 -5.07 16.84
N ASN C 97 22.05 -3.79 17.23
CA ASN C 97 20.86 -3.01 17.64
C ASN C 97 20.09 -3.67 18.79
N ASN C 98 20.76 -4.46 19.64
CA ASN C 98 20.12 -5.09 20.78
C ASN C 98 20.73 -4.71 22.11
N GLU C 99 22.04 -4.89 22.27
CA GLU C 99 22.72 -4.62 23.53
C GLU C 99 23.27 -3.20 23.53
N ASP C 100 23.92 -2.83 24.63
CA ASP C 100 24.34 -1.44 24.84
C ASP C 100 25.38 -0.90 23.85
N PRO C 101 26.51 -1.57 23.53
CA PRO C 101 27.51 -0.87 22.70
C PRO C 101 27.15 -0.71 21.23
N TYR C 102 26.16 -1.44 20.71
CA TYR C 102 25.69 -1.36 19.31
C TYR C 102 26.84 -1.54 18.32
N THR C 103 27.46 -2.72 18.39
CA THR C 103 28.72 -2.95 17.68
C THR C 103 28.47 -3.12 16.18
N PHE C 104 29.13 -2.28 15.38
CA PHE C 104 29.06 -2.39 13.93
C PHE C 104 29.91 -3.56 13.45
N GLY C 105 29.74 -3.90 12.17
CA GLY C 105 30.48 -4.99 11.58
C GLY C 105 31.82 -4.54 11.01
N GLY C 106 32.58 -5.52 10.52
CA GLY C 106 33.86 -5.23 9.90
C GLY C 106 33.76 -4.60 8.53
N GLY C 107 32.62 -4.75 7.87
CA GLY C 107 32.42 -4.13 6.57
C GLY C 107 32.90 -5.00 5.42
N THR C 108 32.02 -5.25 4.45
CA THR C 108 32.37 -6.01 3.26
C THR C 108 32.25 -5.11 2.04
N LYS C 109 33.32 -5.02 1.26
CA LYS C 109 33.34 -4.19 0.06
C LYS C 109 32.90 -5.01 -1.13
N LEU C 110 31.81 -4.60 -1.78
CA LEU C 110 31.27 -5.31 -2.93
C LEU C 110 31.49 -4.46 -4.17
N GLU C 111 32.20 -5.03 -5.15
CA GLU C 111 32.47 -4.39 -6.42
C GLU C 111 31.98 -5.29 -7.55
N ILE C 112 31.39 -4.66 -8.58
CA ILE C 112 30.80 -5.39 -9.69
C ILE C 112 31.89 -5.84 -10.64
N LYS C 113 31.91 -7.13 -10.96
CA LYS C 113 32.88 -7.68 -11.89
C LYS C 113 32.61 -7.17 -13.30
N ARG C 114 33.66 -6.64 -13.95
CA ARG C 114 33.57 -6.05 -15.27
C ARG C 114 34.39 -6.86 -16.26
N ALA C 115 34.21 -6.55 -17.54
CA ALA C 115 35.07 -7.11 -18.57
C ALA C 115 36.43 -6.44 -18.53
N ASP C 116 37.44 -7.14 -19.06
CA ASP C 116 38.79 -6.61 -19.09
C ASP C 116 38.91 -5.49 -20.12
N ALA C 117 39.62 -4.43 -19.74
CA ALA C 117 39.78 -3.27 -20.61
C ALA C 117 41.20 -2.74 -20.49
N ALA C 118 41.64 -2.03 -21.53
CA ALA C 118 42.95 -1.41 -21.58
C ALA C 118 42.86 0.04 -21.13
N PRO C 119 43.74 0.49 -20.22
CA PRO C 119 43.69 1.89 -19.78
C PRO C 119 44.17 2.84 -20.86
N THR C 120 43.49 3.98 -20.97
CA THR C 120 43.89 5.05 -21.89
C THR C 120 44.92 5.90 -21.17
N VAL C 121 46.18 5.51 -21.29
CA VAL C 121 47.27 6.18 -20.57
C VAL C 121 47.60 7.50 -21.27
N SER C 122 47.65 8.57 -20.48
CA SER C 122 48.01 9.89 -20.97
C SER C 122 49.22 10.41 -20.19
N ILE C 123 50.17 11.00 -20.90
CA ILE C 123 51.38 11.54 -20.30
C ILE C 123 51.28 13.07 -20.28
N PHE C 124 51.64 13.66 -19.15
CA PHE C 124 51.53 15.09 -18.94
C PHE C 124 52.89 15.68 -18.62
N PRO C 125 53.42 16.59 -19.44
CA PRO C 125 54.64 17.30 -19.05
C PRO C 125 54.37 18.23 -17.89
N PRO C 126 55.38 18.50 -17.06
CA PRO C 126 55.18 19.41 -15.93
C PRO C 126 54.98 20.85 -16.39
N SER C 127 54.19 21.59 -15.61
CA SER C 127 53.87 22.97 -15.96
C SER C 127 55.03 23.90 -15.63
N SER C 128 55.02 25.07 -16.26
CA SER C 128 56.07 26.06 -16.02
C SER C 128 55.94 26.72 -14.65
N GLU C 129 54.76 26.67 -14.03
CA GLU C 129 54.58 27.22 -12.70
C GLU C 129 55.39 26.43 -11.67
N GLN C 130 55.42 25.10 -11.80
CA GLN C 130 56.26 24.27 -10.93
C GLN C 130 57.75 24.52 -11.19
N LEU C 131 58.11 24.79 -12.45
CA LEU C 131 59.51 25.09 -12.77
C LEU C 131 59.93 26.42 -12.19
N THR C 132 59.04 27.42 -12.18
CA THR C 132 59.35 28.68 -11.52
C THR C 132 59.35 28.54 -10.01
N SER C 133 58.52 27.64 -9.47
CA SER C 133 58.54 27.37 -8.04
C SER C 133 59.79 26.60 -7.61
N GLY C 134 60.43 25.89 -8.53
CA GLY C 134 61.68 25.21 -8.22
C GLY C 134 61.53 23.71 -8.04
N GLY C 135 60.77 23.08 -8.92
CA GLY C 135 60.60 21.64 -8.85
C GLY C 135 59.96 21.13 -10.12
N ALA C 136 59.72 19.81 -10.13
CA ALA C 136 59.06 19.17 -11.25
C ALA C 136 58.21 18.02 -10.72
N SER C 137 57.14 17.71 -11.45
CA SER C 137 56.25 16.62 -11.06
C SER C 137 55.56 16.12 -12.33
N VAL C 138 56.06 15.00 -12.87
CA VAL C 138 55.46 14.37 -14.03
C VAL C 138 54.39 13.41 -13.55
N VAL C 139 53.28 13.32 -14.29
CA VAL C 139 52.17 12.47 -13.90
C VAL C 139 51.71 11.64 -15.09
N CYS C 140 51.00 10.56 -14.78
CA CYS C 140 50.35 9.71 -15.77
CA CYS C 140 50.35 9.71 -15.77
C CYS C 140 48.93 9.43 -15.29
N PHE C 141 47.96 9.77 -16.13
CA PHE C 141 46.54 9.60 -15.80
C PHE C 141 46.00 8.42 -16.59
N LEU C 142 46.08 7.24 -15.98
CA LEU C 142 45.53 6.03 -16.58
C LEU C 142 44.01 6.04 -16.43
N ASN C 143 43.31 6.05 -17.57
CA ASN C 143 41.85 6.12 -17.61
C ASN C 143 41.21 4.76 -17.37
N ASN C 144 39.94 4.61 -17.73
CA ASN C 144 39.10 3.48 -17.34
C ASN C 144 39.67 2.13 -17.79
N PHE C 145 40.00 1.28 -16.81
CA PHE C 145 40.45 -0.08 -17.05
C PHE C 145 39.77 -1.03 -16.06
N TYR C 146 40.08 -2.31 -16.19
CA TYR C 146 39.69 -3.40 -15.30
C TYR C 146 40.56 -4.60 -15.61
N PRO C 147 41.05 -5.35 -14.59
CA PRO C 147 40.85 -5.24 -13.14
C PRO C 147 41.86 -4.40 -12.40
N LYS C 148 41.95 -4.61 -11.09
CA LYS C 148 42.71 -3.75 -10.19
C LYS C 148 44.21 -3.87 -10.42
N ASP C 149 44.70 -5.08 -10.70
CA ASP C 149 46.14 -5.34 -10.75
C ASP C 149 46.74 -4.81 -12.03
N ILE C 150 47.64 -3.83 -11.91
CA ILE C 150 48.33 -3.23 -13.06
C ILE C 150 49.64 -2.65 -12.56
N ASN C 151 50.74 -2.87 -13.28
CA ASN C 151 52.05 -2.40 -12.86
C ASN C 151 52.46 -1.20 -13.70
N VAL C 152 52.99 -0.17 -13.03
CA VAL C 152 53.42 1.07 -13.69
C VAL C 152 54.89 1.28 -13.36
N LYS C 153 55.71 1.45 -14.39
CA LYS C 153 57.13 1.70 -14.26
C LYS C 153 57.47 3.09 -14.78
N TRP C 154 58.41 3.76 -14.11
CA TRP C 154 58.93 5.05 -14.53
C TRP C 154 60.39 4.90 -14.89
N LYS C 155 60.75 5.32 -16.10
CA LYS C 155 62.11 5.17 -16.62
C LYS C 155 62.67 6.53 -16.99
N ILE C 156 63.94 6.76 -16.62
CA ILE C 156 64.61 8.04 -16.85
C ILE C 156 65.79 7.75 -17.79
N ASP C 157 65.57 7.98 -19.09
CA ASP C 157 66.56 7.79 -20.16
C ASP C 157 67.12 6.36 -20.17
N GLY C 158 66.22 5.38 -20.05
CA GLY C 158 66.62 4.00 -20.00
C GLY C 158 67.00 3.48 -18.62
N SER C 159 66.87 4.31 -17.58
CA SER C 159 67.19 3.91 -16.22
C SER C 159 65.93 4.02 -15.36
N GLU C 160 65.62 2.95 -14.65
CA GLU C 160 64.44 2.92 -13.80
C GLU C 160 64.66 3.73 -12.52
N ARG C 161 63.63 4.44 -12.09
CA ARG C 161 63.68 5.25 -10.88
C ARG C 161 62.61 4.77 -9.92
N GLN C 162 63.03 4.25 -8.76
CA GLN C 162 62.12 3.75 -7.74
C GLN C 162 61.87 4.78 -6.64
N ASN C 163 62.43 5.98 -6.74
CA ASN C 163 62.29 7.02 -5.73
C ASN C 163 61.36 8.10 -6.23
N GLY C 164 60.39 8.48 -5.40
CA GLY C 164 59.45 9.52 -5.75
C GLY C 164 58.24 9.07 -6.54
N VAL C 165 58.13 7.79 -6.85
CA VAL C 165 56.99 7.27 -7.60
C VAL C 165 55.85 6.99 -6.63
N LEU C 166 54.71 7.64 -6.86
CA LEU C 166 53.52 7.45 -6.04
C LEU C 166 52.34 7.09 -6.94
N ASN C 167 51.47 6.24 -6.43
CA ASN C 167 50.30 5.78 -7.17
C ASN C 167 49.04 6.02 -6.35
N SER C 168 48.04 6.63 -6.95
CA SER C 168 46.76 6.90 -6.31
C SER C 168 45.64 6.31 -7.16
N TRP C 169 44.82 5.46 -6.55
CA TRP C 169 43.71 4.80 -7.23
C TRP C 169 42.40 5.41 -6.79
N THR C 170 41.55 5.75 -7.77
CA THR C 170 40.19 6.12 -7.41
C THR C 170 39.38 4.87 -7.11
N ASP C 171 38.26 5.07 -6.42
CA ASP C 171 37.38 3.95 -6.15
C ASP C 171 36.59 3.57 -7.41
N GLN C 172 35.98 2.40 -7.36
CA GLN C 172 35.26 1.88 -8.52
C GLN C 172 34.01 2.69 -8.80
N ASP C 173 33.73 2.91 -10.08
CA ASP C 173 32.60 3.72 -10.48
C ASP C 173 31.29 2.98 -10.25
N SER C 174 30.24 3.75 -9.96
CA SER C 174 28.92 3.19 -9.72
C SER C 174 28.08 3.11 -10.99
N LYS C 175 28.65 3.45 -12.14
CA LYS C 175 27.94 3.42 -13.41
C LYS C 175 28.46 2.35 -14.37
N ASP C 176 29.78 2.12 -14.41
CA ASP C 176 30.33 1.10 -15.29
C ASP C 176 31.41 0.25 -14.62
N SER C 177 31.75 0.50 -13.36
CA SER C 177 32.73 -0.26 -12.56
C SER C 177 34.11 -0.29 -13.22
N THR C 178 34.71 0.89 -13.33
CA THR C 178 35.99 1.07 -13.97
C THR C 178 36.98 1.75 -13.03
N TYR C 179 38.25 1.41 -13.17
CA TYR C 179 39.32 1.94 -12.34
C TYR C 179 40.14 2.97 -13.11
N SER C 180 40.64 3.98 -12.39
CA SER C 180 41.57 4.94 -12.94
C SER C 180 42.71 5.14 -11.94
N MET C 181 43.88 5.50 -12.44
CA MET C 181 45.07 5.63 -11.61
CA MET C 181 45.07 5.63 -11.61
C MET C 181 45.82 6.90 -11.97
N SER C 182 46.46 7.50 -10.95
CA SER C 182 47.40 8.59 -11.15
C SER C 182 48.76 8.12 -10.66
N SER C 183 49.72 8.05 -11.56
CA SER C 183 51.09 7.68 -11.22
C SER C 183 51.95 8.92 -11.35
N THR C 184 52.37 9.47 -10.22
CA THR C 184 53.14 10.71 -10.20
C THR C 184 54.58 10.44 -9.80
N LEU C 185 55.46 11.36 -10.20
CA LEU C 185 56.88 11.27 -9.95
C LEU C 185 57.38 12.71 -9.78
N THR C 186 57.78 13.06 -8.56
CA THR C 186 58.26 14.40 -8.27
C THR C 186 59.77 14.47 -8.47
N LEU C 187 60.22 15.59 -9.03
CA LEU C 187 61.61 15.81 -9.35
C LEU C 187 62.02 17.21 -8.92
N THR C 188 63.31 17.37 -8.64
CA THR C 188 63.85 18.69 -8.32
C THR C 188 64.29 19.38 -9.61
N LYS C 189 64.96 20.53 -9.48
CA LYS C 189 65.37 21.28 -10.66
C LYS C 189 66.54 20.61 -11.37
N ASP C 190 67.53 20.13 -10.61
CA ASP C 190 68.71 19.51 -11.21
C ASP C 190 68.37 18.16 -11.83
N GLU C 191 67.46 17.40 -11.21
CA GLU C 191 67.05 16.12 -11.78
C GLU C 191 66.21 16.30 -13.04
N TYR C 192 65.43 17.37 -13.11
CA TYR C 192 64.67 17.65 -14.32
C TYR C 192 65.56 18.19 -15.43
N GLU C 193 66.59 18.96 -15.08
CA GLU C 193 67.51 19.49 -16.08
C GLU C 193 68.57 18.47 -16.51
N ARG C 194 68.74 17.39 -15.74
CA ARG C 194 69.75 16.40 -16.09
C ARG C 194 69.32 15.53 -17.27
N HIS C 195 68.04 15.15 -17.31
CA HIS C 195 67.55 14.19 -18.29
C HIS C 195 66.40 14.80 -19.09
N ASN C 196 66.09 14.14 -20.21
CA ASN C 196 65.09 14.63 -21.16
C ASN C 196 63.99 13.62 -21.45
N SER C 197 64.31 12.34 -21.57
CA SER C 197 63.37 11.32 -22.02
C SER C 197 62.81 10.57 -20.82
N TYR C 198 61.56 10.86 -20.47
CA TYR C 198 60.87 10.16 -19.39
C TYR C 198 59.87 9.18 -19.98
N THR C 199 59.95 7.92 -19.56
CA THR C 199 59.13 6.84 -20.08
C THR C 199 58.16 6.38 -19.00
N CYS C 200 56.87 6.38 -19.34
CA CYS C 200 55.79 5.98 -18.44
C CYS C 200 55.24 4.65 -18.93
N GLU C 201 55.87 3.55 -18.51
CA GLU C 201 55.44 2.22 -18.93
C GLU C 201 54.31 1.74 -18.04
N ALA C 202 53.34 1.05 -18.65
CA ALA C 202 52.19 0.55 -17.91
C ALA C 202 51.80 -0.80 -18.50
N THR C 203 51.94 -1.86 -17.71
CA THR C 203 51.56 -3.20 -18.12
C THR C 203 50.33 -3.66 -17.36
N HIS C 204 49.39 -4.25 -18.10
CA HIS C 204 48.12 -4.73 -17.58
C HIS C 204 47.96 -6.18 -17.98
N LYS C 205 47.25 -6.95 -17.15
CA LYS C 205 47.11 -8.37 -17.39
C LYS C 205 46.12 -8.70 -18.51
N THR C 206 45.36 -7.71 -19.00
CA THR C 206 44.48 -7.93 -20.14
C THR C 206 45.22 -7.95 -21.46
N SER C 207 46.50 -7.57 -21.49
CA SER C 207 47.31 -7.58 -22.70
C SER C 207 48.69 -8.13 -22.35
N THR C 208 49.57 -8.14 -23.34
CA THR C 208 50.94 -8.62 -23.17
C THR C 208 51.97 -7.50 -23.27
N SER C 209 51.97 -6.76 -24.37
CA SER C 209 52.92 -5.66 -24.53
C SER C 209 52.44 -4.44 -23.74
N PRO C 210 53.28 -3.87 -22.87
CA PRO C 210 52.88 -2.65 -22.16
C PRO C 210 52.80 -1.46 -23.10
N ILE C 211 51.84 -0.59 -22.85
CA ILE C 211 51.63 0.59 -23.68
C ILE C 211 52.66 1.66 -23.29
N VAL C 212 53.35 2.20 -24.29
CA VAL C 212 54.43 3.15 -24.07
C VAL C 212 53.89 4.56 -24.27
N LYS C 213 54.08 5.41 -23.27
CA LYS C 213 53.68 6.82 -23.32
C LYS C 213 54.87 7.71 -22.98
N SER C 214 56.02 7.39 -23.56
CA SER C 214 57.23 8.15 -23.30
CA SER C 214 57.23 8.15 -23.30
C SER C 214 57.16 9.51 -23.98
N PHE C 215 57.69 10.53 -23.31
CA PHE C 215 57.72 11.88 -23.84
C PHE C 215 59.10 12.50 -23.61
N ASN C 216 59.41 13.51 -24.41
CA ASN C 216 60.68 14.22 -24.32
C ASN C 216 60.42 15.70 -24.12
N ARG C 217 61.42 16.39 -23.54
CA ARG C 217 61.28 17.82 -23.29
C ARG C 217 61.37 18.63 -24.57
N ASN C 218 62.18 18.19 -25.53
CA ASN C 218 62.33 18.93 -26.79
C ASN C 218 61.10 18.79 -27.66
N GLU C 219 60.45 17.63 -27.64
CA GLU C 219 59.26 17.40 -28.45
C GLU C 219 58.00 17.97 -27.81
N CYS C 220 58.07 18.46 -26.58
CA CYS C 220 56.91 19.03 -25.91
C CYS C 220 57.07 20.55 -25.78
N GLU D 1 10.34 16.70 5.35
CA GLU D 1 11.69 16.35 4.93
C GLU D 1 12.68 16.48 6.09
N VAL D 2 13.12 15.35 6.61
CA VAL D 2 14.04 15.33 7.74
C VAL D 2 15.46 15.53 7.21
N GLN D 3 16.12 16.58 7.69
CA GLN D 3 17.49 16.89 7.31
C GLN D 3 18.30 17.16 8.57
N LEU D 4 19.57 16.70 8.56
CA LEU D 4 20.46 16.86 9.70
C LEU D 4 21.78 17.42 9.18
N GLN D 5 21.86 18.75 9.09
CA GLN D 5 23.08 19.40 8.65
C GLN D 5 24.05 19.55 9.80
N GLN D 6 25.32 19.23 9.53
CA GLN D 6 26.37 19.35 10.53
C GLN D 6 27.14 20.65 10.32
N SER D 7 28.20 20.85 11.11
CA SER D 7 28.93 22.11 11.09
C SER D 7 29.85 22.22 9.89
N GLY D 8 30.83 21.32 9.79
CA GLY D 8 31.82 21.38 8.75
C GLY D 8 33.16 20.87 9.23
N PRO D 9 34.14 20.80 8.32
CA PRO D 9 35.45 20.23 8.69
C PRO D 9 36.23 21.15 9.61
N GLU D 10 36.91 20.54 10.59
CA GLU D 10 37.67 21.27 11.59
C GLU D 10 39.01 20.58 11.83
N LEU D 11 40.06 21.38 12.00
CA LEU D 11 41.37 20.91 12.38
C LEU D 11 41.69 21.44 13.78
N VAL D 12 42.11 20.55 14.67
CA VAL D 12 42.33 20.90 16.07
C VAL D 12 43.69 20.41 16.53
N LYS D 13 44.20 21.04 17.58
CA LYS D 13 45.48 20.67 18.15
C LYS D 13 45.35 19.36 18.94
N PRO D 14 46.44 18.58 19.02
CA PRO D 14 46.38 17.32 19.78
C PRO D 14 46.31 17.51 21.28
N GLY D 15 45.10 17.75 21.80
CA GLY D 15 44.91 17.93 23.23
C GLY D 15 43.92 19.03 23.57
N ALA D 16 43.31 19.62 22.54
CA ALA D 16 42.33 20.67 22.74
C ALA D 16 40.93 20.07 22.86
N SER D 17 39.91 20.93 22.83
CA SER D 17 38.52 20.49 22.86
C SER D 17 37.76 21.18 21.73
N MET D 18 36.76 20.49 21.19
CA MET D 18 36.03 21.01 20.06
C MET D 18 34.61 20.45 20.08
N LYS D 19 33.74 21.05 19.25
CA LYS D 19 32.31 20.77 19.32
C LYS D 19 31.74 20.66 17.92
N ILE D 20 30.99 19.58 17.66
CA ILE D 20 30.28 19.36 16.39
C ILE D 20 28.81 19.67 16.62
N SER D 21 28.23 20.47 15.73
CA SER D 21 26.85 20.94 15.84
C SER D 21 26.02 20.30 14.74
N CYS D 22 25.21 19.32 15.11
CA CYS D 22 24.27 18.68 14.20
C CYS D 22 22.94 19.43 14.29
N LYS D 23 22.63 20.22 13.27
CA LYS D 23 21.43 21.04 13.23
C LYS D 23 20.35 20.33 12.43
N THR D 24 19.18 20.16 13.03
CA THR D 24 18.09 19.43 12.43
C THR D 24 17.02 20.38 11.91
N SER D 25 16.20 19.89 10.99
CA SER D 25 15.13 20.67 10.40
C SER D 25 14.08 19.73 9.82
N GLY D 26 12.81 20.08 9.97
CA GLY D 26 11.74 19.35 9.32
C GLY D 26 10.75 18.68 10.24
N TYR D 27 11.24 18.12 11.34
CA TYR D 27 10.41 17.33 12.25
C TYR D 27 10.26 18.04 13.59
N SER D 28 9.35 17.53 14.42
CA SER D 28 9.20 17.97 15.80
C SER D 28 10.42 17.51 16.57
N PHE D 29 11.29 18.47 16.94
CA PHE D 29 12.65 18.18 17.39
C PHE D 29 12.73 17.37 18.67
N THR D 30 11.90 17.71 19.65
CA THR D 30 11.89 16.98 20.92
C THR D 30 11.07 15.71 20.76
N GLY D 31 11.74 14.57 20.75
CA GLY D 31 11.03 13.31 20.65
C GLY D 31 11.68 12.20 19.85
N TYR D 32 12.68 12.52 19.02
CA TYR D 32 13.41 11.51 18.27
C TYR D 32 14.83 11.46 18.84
N THR D 33 15.22 10.28 19.32
CA THR D 33 16.51 10.12 19.99
C THR D 33 17.66 10.27 18.99
N MET D 34 18.60 11.17 19.30
CA MET D 34 19.71 11.44 18.40
C MET D 34 20.88 10.54 18.73
N ASN D 35 21.45 9.91 17.71
CA ASN D 35 22.49 8.89 17.87
C ASN D 35 23.73 9.33 17.11
N TRP D 36 24.89 9.25 17.77
CA TRP D 36 26.15 9.72 17.22
C TRP D 36 27.07 8.53 16.98
N VAL D 37 27.59 8.43 15.74
CA VAL D 37 28.41 7.31 15.27
C VAL D 37 29.72 7.89 14.72
N LYS D 38 30.83 7.18 14.97
CA LYS D 38 32.15 7.59 14.50
C LYS D 38 32.69 6.57 13.50
N GLN D 39 33.13 7.06 12.34
CA GLN D 39 33.73 6.24 11.31
C GLN D 39 35.23 6.56 11.25
N SER D 40 36.05 5.55 11.51
CA SER D 40 37.50 5.71 11.67
C SER D 40 38.23 5.78 10.34
N HIS D 41 39.56 5.59 10.38
CA HIS D 41 40.37 5.56 9.17
C HIS D 41 39.92 4.42 8.26
N GLY D 42 39.79 4.73 6.97
CA GLY D 42 39.28 3.76 6.03
C GLY D 42 37.80 3.53 6.20
N LYS D 43 37.42 2.28 6.51
CA LYS D 43 36.02 1.91 6.71
C LYS D 43 35.92 1.09 7.99
N ASN D 44 35.63 1.76 9.11
CA ASN D 44 35.45 1.10 10.39
C ASN D 44 34.55 1.97 11.25
N LEU D 45 33.33 1.52 11.51
CA LEU D 45 32.32 2.31 12.18
C LEU D 45 32.24 1.93 13.65
N GLU D 46 32.17 2.95 14.52
CA GLU D 46 32.07 2.76 15.96
C GLU D 46 30.96 3.63 16.52
N TRP D 47 30.20 3.07 17.45
CA TRP D 47 29.08 3.78 18.07
C TRP D 47 29.58 4.66 19.20
N ILE D 48 29.19 5.94 19.20
CA ILE D 48 29.57 6.83 20.29
C ILE D 48 28.44 6.90 21.31
N GLY D 49 27.27 7.35 20.90
CA GLY D 49 26.21 7.43 21.90
C GLY D 49 24.90 8.07 21.52
N LEU D 50 23.83 7.76 22.23
CA LEU D 50 22.52 8.32 21.96
C LEU D 50 22.11 9.29 23.07
N ILE D 51 21.13 10.13 22.74
CA ILE D 51 20.63 11.13 23.68
C ILE D 51 19.19 11.50 23.33
N ASN D 52 18.33 11.50 24.34
CA ASN D 52 16.95 11.97 24.17
C ASN D 52 16.92 13.49 24.21
N PRO D 53 16.30 14.16 23.24
CA PRO D 53 16.26 15.62 23.28
C PRO D 53 15.33 16.19 24.34
N TYR D 54 14.13 15.63 24.49
CA TYR D 54 13.17 16.17 25.43
C TYR D 54 13.51 15.80 26.87
N ASN D 55 13.80 14.52 27.11
CA ASN D 55 14.07 14.06 28.46
C ASN D 55 15.47 14.48 28.92
N GLY D 56 16.41 14.64 28.00
CA GLY D 56 17.78 14.95 28.34
C GLY D 56 18.60 13.77 28.77
N ASP D 57 18.03 12.56 28.78
CA ASP D 57 18.75 11.38 29.24
C ASP D 57 19.65 10.85 28.13
N THR D 58 20.88 10.50 28.50
CA THR D 58 21.90 10.05 27.58
C THR D 58 22.20 8.58 27.76
N SER D 59 23.02 8.06 26.85
CA SER D 59 23.54 6.70 26.92
C SER D 59 24.81 6.65 26.10
N TYR D 60 25.91 6.20 26.71
CA TYR D 60 27.22 6.29 26.10
C TYR D 60 27.82 4.91 25.87
N ASN D 61 28.73 4.85 24.91
CA ASN D 61 29.59 3.69 24.75
C ASN D 61 30.60 3.63 25.90
N GLN D 62 31.11 2.43 26.15
CA GLN D 62 32.10 2.24 27.21
C GLN D 62 33.41 2.93 26.88
N LYS D 63 33.83 2.88 25.62
CA LYS D 63 35.09 3.52 25.23
C LYS D 63 34.97 5.03 25.14
N PHE D 64 33.76 5.56 24.98
CA PHE D 64 33.55 6.99 24.80
C PHE D 64 32.95 7.66 26.04
N LYS D 65 32.93 6.97 27.19
CA LYS D 65 32.38 7.54 28.41
C LYS D 65 33.35 8.57 28.96
N GLY D 66 33.00 9.84 28.86
CA GLY D 66 33.85 10.92 29.27
C GLY D 66 34.72 11.50 28.17
N LYS D 67 34.92 10.77 27.07
CA LYS D 67 35.68 11.31 25.95
C LYS D 67 34.85 12.33 25.17
N ALA D 68 33.57 12.05 24.98
CA ALA D 68 32.67 12.96 24.28
C ALA D 68 31.39 13.13 25.10
N THR D 69 30.82 14.33 25.03
CA THR D 69 29.58 14.65 25.74
C THR D 69 28.53 15.13 24.75
N LEU D 70 27.29 14.67 24.94
CA LEU D 70 26.18 14.99 24.06
C LEU D 70 25.27 16.01 24.74
N THR D 71 24.98 17.11 24.05
CA THR D 71 24.08 18.14 24.56
C THR D 71 23.01 18.44 23.52
N VAL D 72 21.86 18.94 24.00
CA VAL D 72 20.73 19.30 23.16
C VAL D 72 20.37 20.76 23.41
N ASP D 73 20.13 21.51 22.34
CA ASP D 73 19.58 22.86 22.42
C ASP D 73 18.24 22.88 21.69
N LYS D 74 17.16 23.04 22.45
CA LYS D 74 15.81 22.96 21.87
C LYS D 74 15.43 24.21 21.09
N SER D 75 15.98 25.36 21.45
CA SER D 75 15.57 26.62 20.82
C SER D 75 16.09 26.72 19.39
N SER D 76 17.35 26.34 19.17
CA SER D 76 17.92 26.30 17.85
C SER D 76 17.66 24.98 17.13
N SER D 77 17.01 24.02 17.81
CA SER D 77 16.74 22.67 17.32
C SER D 77 18.01 21.96 16.88
N THR D 78 19.04 22.03 17.74
CA THR D 78 20.35 21.47 17.42
C THR D 78 20.79 20.50 18.50
N ALA D 79 21.77 19.68 18.15
CA ALA D 79 22.49 18.87 19.12
C ALA D 79 23.98 19.11 18.93
N TYR D 80 24.75 18.87 19.98
CA TYR D 80 26.18 19.09 19.95
C TYR D 80 26.89 17.90 20.57
N MET D 81 28.06 17.60 20.03
CA MET D 81 28.97 16.63 20.63
C MET D 81 30.30 17.33 20.91
N GLU D 82 30.70 17.34 22.17
CA GLU D 82 31.97 17.90 22.58
C GLU D 82 32.99 16.78 22.71
N LEU D 83 34.09 16.89 21.97
CA LEU D 83 35.22 16.00 22.10
C LEU D 83 36.32 16.73 22.85
N LEU D 84 36.87 16.09 23.88
CA LEU D 84 37.88 16.68 24.74
C LEU D 84 39.12 15.78 24.78
N SER D 85 40.28 16.44 24.90
CA SER D 85 41.60 15.80 24.96
C SER D 85 41.85 14.95 23.71
N LEU D 86 41.91 15.62 22.56
CA LEU D 86 42.00 14.93 21.29
C LEU D 86 43.39 14.34 21.09
N THR D 87 43.43 13.12 20.56
CA THR D 87 44.68 12.43 20.31
C THR D 87 44.77 12.07 18.82
N SER D 88 45.86 11.40 18.45
CA SER D 88 46.09 11.06 17.05
C SER D 88 45.15 9.97 16.54
N GLU D 89 44.55 9.19 17.45
CA GLU D 89 43.58 8.16 17.08
C GLU D 89 42.15 8.69 17.05
N ASP D 90 41.98 10.00 16.90
CA ASP D 90 40.65 10.61 16.88
C ASP D 90 40.31 11.28 15.55
N SER D 91 41.19 11.20 14.55
CA SER D 91 40.92 11.81 13.26
C SER D 91 39.92 10.94 12.51
N ALA D 92 38.65 11.31 12.58
CA ALA D 92 37.58 10.44 12.12
C ALA D 92 36.40 11.28 11.66
N VAL D 93 35.46 10.63 10.98
CA VAL D 93 34.27 11.29 10.47
C VAL D 93 33.10 10.99 11.40
N TYR D 94 32.32 12.00 11.75
CA TYR D 94 31.29 11.84 12.77
C TYR D 94 29.91 12.09 12.15
N TYR D 95 28.99 11.16 12.39
CA TYR D 95 27.63 11.23 11.86
C TYR D 95 26.61 11.30 12.99
N CYS D 96 25.53 12.02 12.73
CA CYS D 96 24.37 12.06 13.61
C CYS D 96 23.17 11.50 12.87
N GLU D 97 22.34 10.73 13.58
CA GLU D 97 21.20 10.06 12.99
C GLU D 97 20.04 10.10 13.98
N VAL D 98 18.84 9.77 13.50
CA VAL D 98 17.68 9.79 14.38
C VAL D 98 17.03 8.42 14.54
N ILE D 99 16.53 7.84 13.45
CA ILE D 99 15.76 6.60 13.52
C ILE D 99 16.54 5.55 12.73
N ASN D 100 17.86 5.69 12.75
CA ASN D 100 18.86 4.92 11.99
C ASN D 100 18.72 5.07 10.47
N THR D 101 17.91 6.00 9.99
CA THR D 101 17.68 6.21 8.56
C THR D 101 18.18 7.56 8.07
N TYR D 102 17.79 8.64 8.73
CA TYR D 102 18.18 9.98 8.31
C TYR D 102 19.50 10.32 8.99
N TRP D 103 20.60 10.19 8.25
CA TRP D 103 21.92 10.44 8.80
C TRP D 103 22.34 11.89 8.54
N GLY D 104 23.50 12.26 9.05
CA GLY D 104 24.06 13.58 8.83
C GLY D 104 24.97 13.61 7.61
N GLN D 105 25.39 14.82 7.25
CA GLN D 105 26.24 15.00 6.09
C GLN D 105 27.67 14.53 6.34
N GLY D 106 28.11 14.49 7.59
CA GLY D 106 29.46 14.07 7.90
C GLY D 106 30.39 15.22 8.20
N THR D 107 31.07 15.15 9.34
CA THR D 107 32.04 16.17 9.75
C THR D 107 33.41 15.50 9.83
N LEU D 108 34.36 16.00 9.05
CA LEU D 108 35.71 15.45 9.02
C LEU D 108 36.55 16.22 10.04
N VAL D 109 37.08 15.50 11.03
CA VAL D 109 37.85 16.10 12.11
C VAL D 109 39.29 15.68 11.93
N THR D 110 40.20 16.65 11.87
CA THR D 110 41.63 16.39 11.72
C THR D 110 42.33 16.78 13.01
N VAL D 111 43.20 15.89 13.51
CA VAL D 111 44.00 16.13 14.70
C VAL D 111 45.45 15.94 14.32
N SER D 112 46.18 17.04 14.19
CA SER D 112 47.59 16.98 13.87
C SER D 112 48.27 18.24 14.40
N ALA D 113 49.58 18.15 14.57
CA ALA D 113 50.41 19.28 14.98
C ALA D 113 51.01 19.97 13.76
N ALA D 114 50.13 20.52 12.93
CA ALA D 114 50.53 21.17 11.69
C ALA D 114 49.76 22.47 11.56
N LYS D 115 49.84 23.09 10.39
CA LYS D 115 49.21 24.38 10.14
C LYS D 115 48.45 24.34 8.83
N THR D 116 47.54 25.29 8.67
CA THR D 116 46.76 25.39 7.45
C THR D 116 47.62 25.97 6.33
N THR D 117 47.70 25.25 5.21
CA THR D 117 48.48 25.68 4.05
C THR D 117 47.55 25.81 2.86
N PRO D 118 47.41 27.01 2.28
CA PRO D 118 46.73 27.16 1.00
C PRO D 118 47.37 26.30 -0.08
N PRO D 119 46.58 25.71 -0.97
CA PRO D 119 47.15 24.82 -1.99
C PRO D 119 47.78 25.61 -3.13
N SER D 120 48.90 25.08 -3.61
CA SER D 120 49.58 25.62 -4.78
C SER D 120 49.22 24.77 -5.99
N VAL D 121 48.07 25.08 -6.59
CA VAL D 121 47.58 24.31 -7.72
C VAL D 121 48.40 24.64 -8.97
N TYR D 122 48.91 23.59 -9.62
CA TYR D 122 49.71 23.71 -10.83
C TYR D 122 49.02 22.95 -11.95
N PRO D 123 48.24 23.65 -12.78
CA PRO D 123 47.49 22.98 -13.85
C PRO D 123 48.38 22.46 -14.96
N LEU D 124 48.27 21.17 -15.27
CA LEU D 124 49.16 20.52 -16.22
C LEU D 124 48.49 20.43 -17.59
N ALA D 125 49.22 20.85 -18.62
CA ALA D 125 48.71 20.83 -19.98
C ALA D 125 49.67 20.03 -20.86
N PRO D 126 49.18 19.17 -21.75
CA PRO D 126 50.07 18.43 -22.63
C PRO D 126 50.60 19.29 -23.77
N GLY D 127 51.89 19.64 -23.71
CA GLY D 127 52.50 20.46 -24.73
C GLY D 127 52.81 19.69 -26.00
N SER D 128 52.21 20.12 -27.11
CA SER D 128 52.39 19.53 -28.44
C SER D 128 52.04 18.03 -28.44
N ALA D 129 50.86 17.71 -27.90
CA ALA D 129 50.44 16.32 -27.83
C ALA D 129 50.09 15.77 -29.21
N ALA D 130 49.41 16.59 -30.04
CA ALA D 130 48.97 16.26 -31.39
C ALA D 130 48.15 14.96 -31.43
N GLN D 131 47.22 14.85 -30.49
CA GLN D 131 46.38 13.66 -30.37
C GLN D 131 45.35 13.66 -31.51
N THR D 132 45.38 12.61 -32.33
CA THR D 132 44.41 12.50 -33.41
C THR D 132 43.03 12.10 -32.89
N ASN D 133 42.98 11.29 -31.84
CA ASN D 133 41.70 10.85 -31.29
C ASN D 133 41.10 11.91 -30.38
N SER D 134 39.78 12.04 -30.46
CA SER D 134 39.03 13.14 -29.84
C SER D 134 38.48 12.79 -28.45
N MET D 135 39.33 12.25 -27.59
CA MET D 135 39.05 12.18 -26.15
C MET D 135 40.31 12.52 -25.36
N VAL D 136 40.96 13.63 -25.74
CA VAL D 136 42.22 14.03 -25.11
C VAL D 136 41.96 14.47 -23.66
N THR D 137 42.80 13.98 -22.75
CA THR D 137 42.64 14.20 -21.32
C THR D 137 43.28 15.53 -20.91
N LEU D 138 42.59 16.27 -20.03
CA LEU D 138 43.09 17.52 -19.50
C LEU D 138 42.85 17.55 -18.00
N GLY D 139 43.88 17.90 -17.23
CA GLY D 139 43.79 17.80 -15.78
C GLY D 139 44.58 18.89 -15.09
N CYS D 140 44.44 18.92 -13.76
CA CYS D 140 45.16 19.88 -12.92
C CYS D 140 45.70 19.16 -11.70
N LEU D 141 46.83 19.64 -11.20
CA LEU D 141 47.52 19.05 -10.06
C LEU D 141 47.44 20.01 -8.88
N VAL D 142 46.99 19.49 -7.74
CA VAL D 142 46.89 20.26 -6.50
C VAL D 142 47.97 19.75 -5.54
N LYS D 143 48.87 20.64 -5.13
CA LYS D 143 50.03 20.26 -4.34
C LYS D 143 50.18 21.24 -3.18
N GLY D 144 50.43 20.70 -1.99
CA GLY D 144 50.77 21.52 -0.84
C GLY D 144 49.59 22.11 -0.09
N TYR D 145 48.72 21.27 0.45
CA TYR D 145 47.61 21.74 1.25
C TYR D 145 47.47 20.87 2.49
N PHE D 146 46.86 21.45 3.53
CA PHE D 146 46.59 20.79 4.79
C PHE D 146 45.51 21.56 5.53
N PRO D 147 44.49 20.89 6.09
CA PRO D 147 44.16 19.46 5.99
C PRO D 147 43.07 19.17 4.95
N GLU D 148 42.53 17.96 5.00
CA GLU D 148 41.37 17.60 4.20
C GLU D 148 40.15 18.41 4.63
N PRO D 149 39.20 18.69 3.70
CA PRO D 149 39.15 18.34 2.28
C PRO D 149 39.43 19.50 1.33
N VAL D 150 39.49 19.19 0.04
CA VAL D 150 39.56 20.19 -1.02
C VAL D 150 38.54 19.81 -2.09
N THR D 151 37.75 20.77 -2.53
CA THR D 151 36.74 20.54 -3.55
C THR D 151 37.26 21.03 -4.89
N VAL D 152 37.37 20.12 -5.85
CA VAL D 152 37.78 20.44 -7.21
C VAL D 152 36.61 20.16 -8.15
N THR D 153 36.30 21.12 -9.00
CA THR D 153 35.22 21.00 -9.99
C THR D 153 35.71 21.52 -11.33
N TRP D 154 34.96 21.19 -12.38
CA TRP D 154 35.32 21.52 -13.75
C TRP D 154 34.26 22.41 -14.37
N ASN D 155 34.70 23.54 -14.93
CA ASN D 155 33.85 24.57 -15.56
C ASN D 155 32.80 25.10 -14.59
N SER D 156 33.20 25.21 -13.31
CA SER D 156 32.34 25.66 -12.21
C SER D 156 31.06 24.81 -12.09
N GLY D 157 31.21 23.51 -12.26
CA GLY D 157 30.10 22.59 -12.18
C GLY D 157 29.36 22.34 -13.47
N SER D 158 29.72 23.03 -14.56
CA SER D 158 29.06 22.79 -15.84
C SER D 158 29.47 21.45 -16.44
N LEU D 159 30.74 21.08 -16.28
CA LEU D 159 31.25 19.81 -16.80
C LEU D 159 30.95 18.75 -15.74
N SER D 160 29.75 18.17 -15.82
CA SER D 160 29.32 17.19 -14.83
C SER D 160 29.86 15.79 -15.16
N SER D 161 29.58 15.31 -16.37
CA SER D 161 30.04 13.98 -16.77
C SER D 161 31.52 14.01 -17.11
N GLY D 162 32.14 12.84 -17.05
CA GLY D 162 33.54 12.70 -17.37
C GLY D 162 34.51 13.15 -16.29
N VAL D 163 34.01 13.46 -15.09
CA VAL D 163 34.89 13.90 -14.01
C VAL D 163 35.60 12.70 -13.39
N HIS D 164 36.76 12.96 -12.80
CA HIS D 164 37.53 11.92 -12.13
C HIS D 164 38.30 12.58 -10.99
N THR D 165 37.73 12.55 -9.79
CA THR D 165 38.37 13.09 -8.59
C THR D 165 39.13 11.97 -7.89
N PHE D 166 40.39 12.22 -7.57
CA PHE D 166 41.21 11.14 -7.04
C PHE D 166 41.49 11.36 -5.55
N PRO D 167 41.67 10.29 -4.78
CA PRO D 167 42.02 10.45 -3.37
C PRO D 167 43.41 11.06 -3.20
N ALA D 168 43.57 11.77 -2.08
CA ALA D 168 44.82 12.46 -1.80
C ALA D 168 45.90 11.48 -1.36
N VAL D 169 47.15 11.86 -1.62
CA VAL D 169 48.32 11.12 -1.14
C VAL D 169 49.07 12.03 -0.18
N LEU D 170 49.79 11.40 0.76
CA LEU D 170 50.42 12.11 1.86
C LEU D 170 51.92 11.85 1.85
N GLN D 171 52.71 12.93 1.86
CA GLN D 171 54.15 12.84 2.02
C GLN D 171 54.66 14.15 2.63
N SER D 172 55.64 14.02 3.53
CA SER D 172 56.30 15.13 4.23
C SER D 172 55.29 16.02 4.98
N ASP D 173 54.29 15.37 5.59
CA ASP D 173 53.15 16.01 6.25
C ASP D 173 52.42 16.98 5.31
N LEU D 174 52.27 16.56 4.05
CA LEU D 174 51.65 17.39 3.03
C LEU D 174 50.78 16.50 2.14
N TYR D 175 49.73 17.10 1.58
CA TYR D 175 48.74 16.38 0.80
C TYR D 175 48.80 16.80 -0.66
N THR D 176 48.74 15.82 -1.55
CA THR D 176 48.78 16.05 -3.00
C THR D 176 47.61 15.33 -3.65
N LEU D 177 46.85 16.05 -4.48
CA LEU D 177 45.72 15.48 -5.19
C LEU D 177 45.80 15.89 -6.65
N SER D 178 45.32 15.01 -7.52
CA SER D 178 45.30 15.25 -8.96
C SER D 178 43.94 14.90 -9.52
N SER D 179 43.59 15.57 -10.62
CA SER D 179 42.34 15.33 -11.33
C SER D 179 42.63 15.22 -12.82
N SER D 180 41.69 14.63 -13.55
CA SER D 180 41.83 14.44 -14.99
C SER D 180 40.46 14.28 -15.61
N VAL D 181 40.22 15.01 -16.70
CA VAL D 181 38.95 14.93 -17.43
C VAL D 181 39.29 14.79 -18.92
N THR D 182 38.76 13.74 -19.55
CA THR D 182 38.87 13.60 -21.00
C THR D 182 37.93 14.59 -21.67
N VAL D 183 38.46 15.32 -22.67
CA VAL D 183 37.67 16.34 -23.36
C VAL D 183 37.81 16.06 -24.86
N PRO D 184 36.81 16.40 -25.68
CA PRO D 184 37.00 16.30 -27.13
C PRO D 184 38.07 17.25 -27.64
N SER D 185 38.76 16.81 -28.70
CA SER D 185 39.89 17.55 -29.25
C SER D 185 39.48 18.81 -29.99
N SER D 186 38.20 18.97 -30.32
CA SER D 186 37.75 20.21 -30.97
C SER D 186 37.70 21.37 -29.99
N THR D 187 37.42 21.09 -28.72
CA THR D 187 37.34 22.17 -27.73
C THR D 187 38.72 22.68 -27.34
N TRP D 188 39.69 21.78 -27.22
CA TRP D 188 41.06 22.09 -26.82
C TRP D 188 41.91 22.42 -28.04
N PRO D 189 42.62 23.56 -28.05
CA PRO D 189 42.67 24.60 -27.01
C PRO D 189 41.83 25.83 -27.32
N SER D 190 40.77 25.70 -28.12
CA SER D 190 39.96 26.88 -28.47
C SER D 190 39.08 27.31 -27.31
N GLU D 191 38.44 26.37 -26.63
CA GLU D 191 37.53 26.70 -25.54
C GLU D 191 38.29 26.87 -24.22
N THR D 192 37.58 27.44 -23.24
CA THR D 192 38.14 27.76 -21.95
C THR D 192 37.50 26.89 -20.87
N VAL D 193 38.33 26.12 -20.16
CA VAL D 193 37.88 25.34 -19.01
C VAL D 193 38.61 25.87 -17.77
N THR D 194 37.99 25.65 -16.61
CA THR D 194 38.51 26.14 -15.34
C THR D 194 38.56 25.00 -14.34
N CYS D 195 39.71 24.84 -13.68
CA CYS D 195 39.89 23.86 -12.61
C CYS D 195 39.58 24.59 -11.30
N ASN D 196 38.30 24.63 -10.94
CA ASN D 196 37.86 25.37 -9.77
C ASN D 196 38.23 24.60 -8.51
N VAL D 197 39.20 25.13 -7.76
CA VAL D 197 39.73 24.49 -6.57
C VAL D 197 39.39 25.37 -5.37
N ALA D 198 38.69 24.80 -4.39
CA ALA D 198 38.31 25.51 -3.18
C ALA D 198 38.76 24.71 -1.97
N HIS D 199 39.53 25.36 -1.10
CA HIS D 199 39.98 24.76 0.16
C HIS D 199 39.27 25.46 1.31
N PRO D 200 38.33 24.80 2.00
CA PRO D 200 37.60 25.48 3.08
C PRO D 200 38.45 25.82 4.30
N ALA D 201 39.61 25.18 4.47
CA ALA D 201 40.48 25.51 5.59
C ALA D 201 41.17 26.86 5.39
N SER D 202 41.39 27.26 4.14
CA SER D 202 42.06 28.52 3.84
C SER D 202 41.19 29.50 3.06
N SER D 203 39.98 29.09 2.64
CA SER D 203 39.03 29.90 1.85
C SER D 203 39.66 30.41 0.55
N THR D 204 40.48 29.55 -0.08
CA THR D 204 41.17 29.89 -1.32
C THR D 204 40.34 29.38 -2.48
N LYS D 205 39.26 30.11 -2.77
CA LYS D 205 38.35 29.76 -3.86
C LYS D 205 38.85 30.37 -5.17
N VAL D 206 39.91 29.76 -5.69
CA VAL D 206 40.51 30.22 -6.94
C VAL D 206 39.81 29.56 -8.11
N ASP D 207 39.79 30.25 -9.25
CA ASP D 207 39.18 29.70 -10.46
C ASP D 207 40.20 28.89 -11.25
N LYS D 208 41.38 29.45 -11.47
CA LYS D 208 42.57 28.79 -12.01
C LYS D 208 42.32 28.19 -13.40
N LYS D 209 42.09 29.09 -14.34
CA LYS D 209 41.95 28.71 -15.74
C LYS D 209 43.25 28.13 -16.26
N ILE D 210 43.13 27.01 -16.98
CA ILE D 210 44.28 26.30 -17.52
C ILE D 210 44.90 27.07 -18.68
N VAL D 211 46.22 27.19 -18.66
CA VAL D 211 46.95 27.84 -19.76
C VAL D 211 47.29 26.79 -20.81
N PRO D 212 46.90 27.01 -22.07
CA PRO D 212 47.26 26.04 -23.12
C PRO D 212 48.75 26.00 -23.41
N ARG D 213 49.23 24.82 -23.75
CA ARG D 213 50.65 24.60 -24.00
C ARG D 213 50.85 23.65 -25.17
N ASP E 3 -40.67 4.43 -0.84
CA ASP E 3 -39.37 4.08 -1.41
C ASP E 3 -38.58 5.33 -1.77
N ILE E 4 -37.57 5.16 -2.63
CA ILE E 4 -36.73 6.24 -3.10
C ILE E 4 -36.90 6.36 -4.61
N VAL E 5 -37.22 7.57 -5.07
CA VAL E 5 -37.45 7.84 -6.48
C VAL E 5 -36.28 8.66 -7.00
N MET E 6 -35.60 8.15 -8.02
CA MET E 6 -34.46 8.82 -8.64
C MET E 6 -34.78 9.13 -10.08
N THR E 7 -34.87 10.42 -10.41
CA THR E 7 -35.08 10.89 -11.78
C THR E 7 -33.87 11.76 -12.14
N GLN E 8 -32.87 11.15 -12.78
CA GLN E 8 -31.72 11.91 -13.23
C GLN E 8 -32.08 12.73 -14.45
N SER E 9 -31.69 14.01 -14.44
CA SER E 9 -32.09 14.95 -15.47
C SER E 9 -31.56 14.65 -16.88
N PRO E 10 -30.28 14.31 -17.12
CA PRO E 10 -29.89 13.92 -18.48
C PRO E 10 -30.43 12.55 -18.85
N ALA E 11 -30.53 12.33 -20.17
CA ALA E 11 -30.89 11.03 -20.71
C ALA E 11 -30.02 10.58 -21.87
N SER E 12 -29.36 11.50 -22.57
CA SER E 12 -28.48 11.15 -23.68
C SER E 12 -27.46 12.27 -23.84
N LEU E 13 -26.21 11.98 -23.51
CA LEU E 13 -25.14 12.97 -23.57
C LEU E 13 -24.26 12.69 -24.79
N ALA E 14 -23.98 13.74 -25.56
CA ALA E 14 -23.11 13.65 -26.74
C ALA E 14 -21.94 14.61 -26.52
N VAL E 15 -20.85 14.09 -25.96
CA VAL E 15 -19.64 14.86 -25.73
C VAL E 15 -18.51 14.25 -26.56
N SER E 16 -17.43 15.00 -26.69
CA SER E 16 -16.27 14.61 -27.48
C SER E 16 -15.09 14.27 -26.57
N LEU E 17 -13.99 13.84 -27.18
CA LEU E 17 -12.76 13.59 -26.45
C LEU E 17 -12.13 14.92 -26.06
N GLY E 18 -12.01 15.15 -24.75
CA GLY E 18 -11.53 16.42 -24.23
C GLY E 18 -12.62 17.31 -23.70
N GLN E 19 -13.89 17.02 -24.00
CA GLN E 19 -15.00 17.83 -23.52
C GLN E 19 -15.45 17.34 -22.14
N ARG E 20 -16.46 18.04 -21.60
CA ARG E 20 -16.92 17.81 -20.25
C ARG E 20 -18.22 17.01 -20.27
N ALA E 21 -18.26 15.94 -19.49
CA ALA E 21 -19.46 15.12 -19.35
C ALA E 21 -19.95 15.22 -17.91
N THR E 22 -21.24 15.46 -17.74
CA THR E 22 -21.83 15.63 -16.41
CA THR E 22 -21.83 15.63 -16.41
C THR E 22 -23.19 14.97 -16.37
N ILE E 23 -23.34 13.97 -15.52
CA ILE E 23 -24.60 13.27 -15.32
C ILE E 23 -25.13 13.69 -13.95
N SER E 24 -26.26 14.41 -13.94
CA SER E 24 -26.84 14.93 -12.71
C SER E 24 -27.98 14.02 -12.27
N CYS E 25 -27.86 13.47 -11.07
CA CYS E 25 -28.82 12.51 -10.55
C CYS E 25 -29.43 13.05 -9.26
N LYS E 26 -30.72 12.79 -9.09
CA LYS E 26 -31.46 13.37 -7.97
C LYS E 26 -31.96 12.31 -7.01
N ALA E 27 -32.74 12.71 -6.02
CA ALA E 27 -33.31 11.77 -5.07
C ALA E 27 -34.64 12.31 -4.57
N SER E 28 -35.52 11.40 -4.14
CA SER E 28 -36.81 11.82 -3.62
C SER E 28 -36.68 12.45 -2.24
N GLN E 29 -35.83 11.87 -1.38
CA GLN E 29 -35.59 12.41 -0.05
C GLN E 29 -34.13 12.15 0.29
N SER E 30 -33.79 12.37 1.56
CA SER E 30 -32.41 12.23 2.01
C SER E 30 -32.03 10.77 2.17
N ILE E 31 -30.79 10.45 1.82
CA ILE E 31 -30.26 9.09 1.96
C ILE E 31 -29.08 9.13 2.93
N ASP E 32 -29.14 10.04 3.89
CA ASP E 32 -28.03 10.26 4.81
C ASP E 32 -28.18 9.25 5.96
N TYR E 33 -27.06 8.62 6.31
CA TYR E 33 -26.96 7.82 7.53
C TYR E 33 -25.60 8.04 8.13
N ASP E 34 -25.59 8.51 9.39
CA ASP E 34 -24.37 8.76 10.18
C ASP E 34 -23.42 9.73 9.46
N GLY E 35 -24.00 10.75 8.84
CA GLY E 35 -23.24 11.74 8.12
C GLY E 35 -22.82 11.36 6.72
N ASP E 36 -23.17 10.15 6.27
CA ASP E 36 -22.79 9.66 4.94
C ASP E 36 -24.04 9.46 4.11
N ASN E 37 -24.07 10.06 2.93
CA ASN E 37 -25.14 9.85 1.96
C ASN E 37 -24.74 8.68 1.06
N TYR E 38 -25.44 7.56 1.18
CA TYR E 38 -25.08 6.38 0.41
C TYR E 38 -25.66 6.48 -0.99
N MET E 39 -24.78 6.64 -1.98
CA MET E 39 -25.16 6.71 -3.38
C MET E 39 -24.06 6.03 -4.19
N ASN E 40 -24.40 4.95 -4.88
CA ASN E 40 -23.46 4.23 -5.72
C ASN E 40 -23.60 4.68 -7.16
N TRP E 41 -22.50 4.60 -7.91
CA TRP E 41 -22.57 4.82 -9.35
C TRP E 41 -21.99 3.62 -10.08
N TYR E 42 -22.74 3.13 -11.07
CA TYR E 42 -22.40 1.95 -11.86
C TYR E 42 -22.24 2.33 -13.33
N GLN E 43 -21.35 1.60 -14.01
CA GLN E 43 -21.19 1.70 -15.45
C GLN E 43 -21.48 0.35 -16.08
N GLN E 44 -22.37 0.33 -17.06
CA GLN E 44 -22.76 -0.90 -17.75
C GLN E 44 -22.60 -0.72 -19.25
N LYS E 45 -21.81 -1.57 -19.86
CA LYS E 45 -21.70 -1.66 -21.31
C LYS E 45 -22.77 -2.61 -21.84
N PRO E 46 -23.16 -2.47 -23.11
CA PRO E 46 -24.12 -3.42 -23.70
C PRO E 46 -23.57 -4.85 -23.74
N GLY E 47 -24.38 -5.79 -23.28
CA GLY E 47 -23.98 -7.18 -23.21
C GLY E 47 -23.09 -7.54 -22.05
N GLN E 48 -23.00 -6.68 -21.03
CA GLN E 48 -22.09 -6.89 -19.91
C GLN E 48 -22.82 -6.58 -18.61
N PRO E 49 -22.41 -7.20 -17.51
CA PRO E 49 -22.94 -6.81 -16.20
C PRO E 49 -22.45 -5.43 -15.79
N PRO E 50 -23.17 -4.74 -14.91
CA PRO E 50 -22.72 -3.42 -14.45
C PRO E 50 -21.40 -3.49 -13.69
N LYS E 51 -20.60 -2.44 -13.85
CA LYS E 51 -19.31 -2.31 -13.18
C LYS E 51 -19.41 -1.16 -12.19
N LEU E 52 -19.07 -1.43 -10.93
CA LEU E 52 -19.20 -0.42 -9.89
C LEU E 52 -18.13 0.65 -10.05
N LEU E 53 -18.56 1.89 -10.23
CA LEU E 53 -17.64 3.01 -10.31
C LEU E 53 -17.42 3.64 -8.94
N ILE E 54 -18.49 4.12 -8.31
CA ILE E 54 -18.39 5.02 -7.16
C ILE E 54 -19.05 4.37 -5.96
N TYR E 55 -18.38 4.41 -4.80
CA TYR E 55 -18.96 3.91 -3.52
C TYR E 55 -19.76 5.05 -2.87
N THR E 56 -19.60 5.31 -1.57
CA THR E 56 -20.46 6.30 -0.86
C THR E 56 -20.24 7.75 -1.37
N THR E 57 -20.70 8.08 -2.57
CA THR E 57 -20.62 9.46 -3.13
C THR E 57 -19.20 9.91 -3.53
N SER E 58 -18.16 9.56 -2.76
CA SER E 58 -16.87 10.14 -3.11
C SER E 58 -15.78 9.14 -3.42
N ASN E 59 -15.85 7.92 -2.92
CA ASN E 59 -14.71 7.02 -2.98
C ASN E 59 -14.68 6.27 -4.31
N LEU E 60 -13.52 5.74 -4.65
CA LEU E 60 -13.26 5.15 -5.94
C LEU E 60 -13.14 3.64 -5.84
N GLU E 61 -13.63 2.93 -6.85
CA GLU E 61 -13.33 1.51 -7.01
C GLU E 61 -11.84 1.30 -7.19
N SER E 62 -11.32 0.23 -6.58
CA SER E 62 -9.94 -0.16 -6.82
C SER E 62 -9.81 -0.75 -8.22
N GLY E 63 -8.83 -0.29 -8.97
CA GLY E 63 -8.64 -0.72 -10.34
C GLY E 63 -9.49 0.00 -11.37
N ILE E 64 -10.19 1.06 -10.97
CA ILE E 64 -10.99 1.86 -11.90
C ILE E 64 -10.18 3.14 -12.12
N PRO E 65 -10.27 3.78 -13.27
CA PRO E 65 -9.53 5.05 -13.45
C PRO E 65 -10.26 6.21 -12.77
N ALA E 66 -9.50 7.30 -12.60
CA ALA E 66 -9.95 8.47 -11.85
C ALA E 66 -10.64 9.50 -12.74
N ARG E 67 -11.08 9.12 -13.94
CA ARG E 67 -11.87 10.03 -14.77
C ARG E 67 -13.26 10.27 -14.16
N PHE E 68 -13.82 9.24 -13.52
CA PHE E 68 -15.15 9.33 -12.92
C PHE E 68 -14.96 9.60 -11.43
N SER E 69 -15.02 10.87 -11.03
CA SER E 69 -14.87 11.20 -9.63
C SER E 69 -15.79 12.35 -9.19
N GLY E 70 -16.92 12.54 -9.87
CA GLY E 70 -17.86 13.58 -9.45
C GLY E 70 -18.54 13.18 -8.15
N SER E 71 -18.52 14.10 -7.17
CA SER E 71 -18.98 13.72 -5.85
C SER E 71 -20.45 14.05 -5.58
N GLY E 72 -20.79 15.34 -5.55
CA GLY E 72 -22.13 15.74 -5.13
C GLY E 72 -22.37 15.63 -3.64
N SER E 73 -23.45 16.26 -3.16
CA SER E 73 -23.81 16.19 -1.74
C SER E 73 -25.28 16.53 -1.58
N GLY E 74 -25.82 16.18 -0.42
CA GLY E 74 -27.20 16.50 -0.08
C GLY E 74 -28.22 15.72 -0.86
N THR E 75 -28.95 16.40 -1.75
CA THR E 75 -29.93 15.79 -2.64
C THR E 75 -29.62 16.18 -4.07
N ASP E 76 -28.32 16.16 -4.40
CA ASP E 76 -27.86 16.47 -5.75
C ASP E 76 -26.55 15.72 -5.93
N PHE E 77 -26.54 14.76 -6.86
CA PHE E 77 -25.44 13.83 -7.02
C PHE E 77 -25.04 13.79 -8.48
N THR E 78 -23.91 14.40 -8.81
CA THR E 78 -23.44 14.49 -10.19
C THR E 78 -22.17 13.66 -10.36
N LEU E 79 -22.11 12.92 -11.45
CA LEU E 79 -20.90 12.20 -11.86
C LEU E 79 -20.28 12.95 -13.03
N ASN E 80 -19.02 13.34 -12.88
CA ASN E 80 -18.32 14.15 -13.88
C ASN E 80 -17.19 13.36 -14.50
N ILE E 81 -17.20 13.31 -15.84
CA ILE E 81 -16.10 12.78 -16.62
C ILE E 81 -15.44 13.98 -17.32
N HIS E 82 -14.29 14.40 -16.81
CA HIS E 82 -13.62 15.59 -17.33
C HIS E 82 -12.77 15.33 -18.58
N PRO E 83 -11.85 14.28 -18.64
CA PRO E 83 -11.13 14.11 -19.91
C PRO E 83 -11.96 13.47 -21.02
N VAL E 84 -12.74 12.43 -20.67
CA VAL E 84 -13.63 11.67 -21.61
C VAL E 84 -12.80 10.87 -22.63
N GLU E 85 -12.46 9.62 -22.32
CA GLU E 85 -11.73 8.80 -23.27
C GLU E 85 -12.71 8.23 -24.30
N GLU E 86 -12.16 7.66 -25.39
CA GLU E 86 -12.97 7.06 -26.43
C GLU E 86 -13.76 5.85 -25.91
N GLY E 87 -13.11 4.99 -25.12
CA GLY E 87 -13.78 3.83 -24.56
C GLY E 87 -14.67 4.16 -23.38
N ASP E 88 -15.74 4.92 -23.62
CA ASP E 88 -16.66 5.29 -22.56
C ASP E 88 -18.12 5.23 -22.99
N ALA E 89 -18.42 4.61 -24.12
CA ALA E 89 -19.80 4.52 -24.62
C ALA E 89 -20.53 3.45 -23.82
N ALA E 90 -21.15 3.86 -22.72
CA ALA E 90 -21.84 2.96 -21.83
C ALA E 90 -23.03 3.67 -21.21
N THR E 91 -23.63 3.06 -20.20
CA THR E 91 -24.74 3.64 -19.47
C THR E 91 -24.38 3.73 -17.99
N TYR E 92 -24.73 4.85 -17.36
CA TYR E 92 -24.33 5.12 -15.98
C TYR E 92 -25.56 5.19 -15.09
N TYR E 93 -25.51 4.48 -13.98
CA TYR E 93 -26.68 4.25 -13.12
C TYR E 93 -26.41 4.71 -11.70
N CYS E 94 -27.45 5.31 -11.09
CA CYS E 94 -27.44 5.66 -9.69
C CYS E 94 -27.96 4.49 -8.85
N GLN E 95 -27.76 4.60 -7.54
CA GLN E 95 -28.36 3.69 -6.56
C GLN E 95 -28.34 4.39 -5.21
N GLN E 96 -28.97 3.76 -4.22
CA GLN E 96 -28.82 4.19 -2.84
C GLN E 96 -28.63 2.96 -1.97
N ASN E 97 -27.47 2.85 -1.33
CA ASN E 97 -27.23 1.76 -0.39
C ASN E 97 -27.56 2.17 1.03
N ASN E 98 -28.73 2.77 1.21
CA ASN E 98 -29.16 3.29 2.51
C ASN E 98 -30.45 2.65 3.01
N GLU E 99 -31.50 2.67 2.20
CA GLU E 99 -32.82 2.23 2.62
C GLU E 99 -32.98 0.72 2.41
N ASP E 100 -34.20 0.23 2.53
CA ASP E 100 -34.55 -1.16 2.28
C ASP E 100 -34.68 -1.54 0.80
N PRO E 101 -35.36 -0.78 -0.09
CA PRO E 101 -35.50 -1.29 -1.48
C PRO E 101 -34.25 -1.24 -2.32
N TYR E 102 -33.27 -0.37 -1.99
CA TYR E 102 -32.05 -0.14 -2.77
C TYR E 102 -32.37 0.19 -4.23
N THR E 103 -33.09 1.29 -4.43
CA THR E 103 -33.59 1.62 -5.76
C THR E 103 -32.48 2.12 -6.66
N PHE E 104 -32.45 1.61 -7.89
CA PHE E 104 -31.51 2.06 -8.89
C PHE E 104 -31.99 3.37 -9.52
N GLY E 105 -31.18 3.91 -10.41
CA GLY E 105 -31.50 5.14 -11.10
C GLY E 105 -32.22 4.88 -12.41
N GLY E 106 -32.17 5.88 -13.29
CA GLY E 106 -32.80 5.78 -14.59
C GLY E 106 -31.83 5.26 -15.64
N GLY E 107 -31.47 6.11 -16.59
CA GLY E 107 -30.52 5.72 -17.62
C GLY E 107 -29.91 6.92 -18.32
N THR E 108 -28.61 6.84 -18.60
CA THR E 108 -27.89 7.92 -19.30
C THR E 108 -26.95 7.28 -20.30
N LYS E 109 -27.32 7.33 -21.58
CA LYS E 109 -26.50 6.80 -22.65
C LYS E 109 -25.50 7.88 -23.07
N LEU E 110 -24.24 7.70 -22.69
CA LEU E 110 -23.19 8.65 -23.04
C LEU E 110 -22.56 8.19 -24.35
N GLU E 111 -22.55 9.08 -25.34
CA GLU E 111 -22.13 8.75 -26.69
C GLU E 111 -21.01 9.69 -27.13
N ILE E 112 -19.91 9.11 -27.61
CA ILE E 112 -18.71 9.88 -27.92
C ILE E 112 -18.86 10.55 -29.27
N LYS E 113 -18.53 11.84 -29.33
CA LYS E 113 -18.59 12.59 -30.58
C LYS E 113 -17.35 12.33 -31.43
N ARG E 114 -17.57 12.21 -32.73
CA ARG E 114 -16.50 12.12 -33.71
C ARG E 114 -16.98 12.85 -34.96
N ALA E 115 -16.03 13.41 -35.72
CA ALA E 115 -16.33 14.16 -36.94
C ALA E 115 -17.08 13.30 -37.96
N ASP E 116 -17.87 13.97 -38.80
CA ASP E 116 -18.92 13.34 -39.60
C ASP E 116 -18.30 12.47 -40.69
N ALA E 117 -18.71 11.21 -40.74
CA ALA E 117 -18.23 10.26 -41.73
C ALA E 117 -19.39 9.78 -42.59
N ALA E 118 -19.12 9.60 -43.88
CA ALA E 118 -20.14 9.15 -44.81
C ALA E 118 -20.48 7.68 -44.56
N PRO E 119 -21.74 7.29 -44.74
CA PRO E 119 -22.10 5.88 -44.58
C PRO E 119 -21.54 5.02 -45.70
N THR E 120 -21.00 3.87 -45.32
CA THR E 120 -20.41 2.92 -46.26
C THR E 120 -21.51 2.00 -46.77
N VAL E 121 -22.17 2.42 -47.84
CA VAL E 121 -23.26 1.65 -48.42
C VAL E 121 -22.69 0.52 -49.26
N SER E 122 -23.07 -0.72 -48.96
CA SER E 122 -22.65 -1.88 -49.72
C SER E 122 -23.83 -2.82 -49.86
N ILE E 123 -24.23 -3.09 -51.11
CA ILE E 123 -25.42 -3.90 -51.34
C ILE E 123 -25.11 -5.37 -51.03
N PHE E 124 -26.17 -6.13 -50.73
CA PHE E 124 -26.05 -7.55 -50.43
C PHE E 124 -27.19 -8.23 -51.16
N PRO E 125 -26.98 -8.63 -52.41
CA PRO E 125 -28.09 -9.13 -53.25
C PRO E 125 -28.58 -10.49 -52.81
N PRO E 126 -29.85 -10.80 -53.04
CA PRO E 126 -30.37 -12.13 -52.75
C PRO E 126 -29.83 -13.17 -53.71
N SER E 127 -29.85 -14.43 -53.26
CA SER E 127 -29.38 -15.54 -54.08
C SER E 127 -30.46 -16.61 -54.20
N SER E 128 -30.11 -17.77 -54.78
CA SER E 128 -31.07 -18.82 -55.06
C SER E 128 -31.45 -19.65 -53.84
N GLU E 129 -30.71 -19.55 -52.74
CA GLU E 129 -30.96 -20.40 -51.59
C GLU E 129 -32.26 -20.01 -50.88
N GLN E 130 -32.40 -18.74 -50.51
CA GLN E 130 -33.63 -18.30 -49.89
C GLN E 130 -34.76 -18.11 -50.90
N LEU E 131 -34.44 -18.00 -52.18
CA LEU E 131 -35.47 -18.02 -53.21
C LEU E 131 -36.09 -19.40 -53.35
N THR E 132 -35.26 -20.45 -53.28
CA THR E 132 -35.78 -21.81 -53.23
C THR E 132 -36.42 -22.15 -51.90
N SER E 133 -36.01 -21.46 -50.83
CA SER E 133 -36.68 -21.65 -49.54
C SER E 133 -38.11 -21.11 -49.57
N GLY E 134 -38.33 -19.97 -50.23
CA GLY E 134 -39.67 -19.45 -50.39
C GLY E 134 -39.79 -17.94 -50.30
N GLY E 135 -38.80 -17.29 -49.70
CA GLY E 135 -38.87 -15.84 -49.54
C GLY E 135 -37.53 -15.14 -49.66
N ALA E 136 -37.50 -14.03 -50.39
CA ALA E 136 -36.28 -13.28 -50.60
C ALA E 136 -36.17 -12.13 -49.59
N SER E 137 -34.93 -11.74 -49.32
CA SER E 137 -34.66 -10.64 -48.40
C SER E 137 -33.59 -9.74 -49.02
N VAL E 138 -33.85 -8.43 -49.04
CA VAL E 138 -32.95 -7.46 -49.63
C VAL E 138 -32.64 -6.38 -48.58
N VAL E 139 -31.37 -6.00 -48.50
CA VAL E 139 -30.86 -5.12 -47.46
C VAL E 139 -29.97 -4.05 -48.09
N CYS E 140 -29.74 -2.98 -47.33
CA CYS E 140 -28.89 -1.87 -47.75
CA CYS E 140 -28.89 -1.87 -47.75
C CYS E 140 -27.52 -1.87 -47.10
N PHE E 141 -27.46 -2.19 -45.80
CA PHE E 141 -26.24 -2.33 -45.00
C PHE E 141 -25.40 -1.05 -44.99
N LEU E 142 -25.97 0.00 -44.42
CA LEU E 142 -25.24 1.26 -44.24
C LEU E 142 -24.36 1.14 -43.00
N ASN E 143 -23.06 1.37 -43.17
CA ASN E 143 -22.08 1.19 -42.11
C ASN E 143 -21.30 2.48 -41.89
N ASN E 144 -20.91 2.72 -40.64
CA ASN E 144 -20.01 3.80 -40.22
C ASN E 144 -20.53 5.18 -40.58
N PHE E 145 -21.65 5.56 -39.97
CA PHE E 145 -22.26 6.86 -40.19
C PHE E 145 -22.47 7.60 -38.86
N TYR E 146 -22.87 8.87 -39.00
CA TYR E 146 -23.09 9.82 -37.92
C TYR E 146 -24.02 10.92 -38.42
N PRO E 147 -25.18 11.15 -37.78
CA PRO E 147 -25.83 10.42 -36.67
C PRO E 147 -26.88 9.40 -37.11
N LYS E 148 -27.71 9.00 -36.14
CA LYS E 148 -28.77 8.01 -36.36
C LYS E 148 -29.91 8.53 -37.22
N ASP E 149 -30.00 9.84 -37.45
CA ASP E 149 -31.10 10.41 -38.24
C ASP E 149 -30.79 10.36 -39.73
N ILE E 150 -30.63 9.14 -40.22
CA ILE E 150 -30.48 8.84 -41.64
C ILE E 150 -31.67 7.99 -42.07
N ASN E 151 -32.39 8.45 -43.08
CA ASN E 151 -33.62 7.79 -43.50
C ASN E 151 -33.36 6.93 -44.72
N VAL E 152 -33.57 5.62 -44.58
CA VAL E 152 -33.40 4.71 -45.70
C VAL E 152 -34.70 4.66 -46.49
N LYS E 153 -34.59 4.35 -47.78
CA LYS E 153 -35.76 4.30 -48.65
C LYS E 153 -35.51 3.28 -49.76
N TRP E 154 -36.57 2.61 -50.14
CA TRP E 154 -36.53 1.58 -51.16
C TRP E 154 -37.17 2.09 -52.44
N LYS E 155 -36.48 1.84 -53.56
CA LYS E 155 -36.86 2.28 -54.89
C LYS E 155 -36.86 1.06 -55.81
N ILE E 156 -37.65 0.06 -55.40
CA ILE E 156 -37.81 -1.15 -56.18
C ILE E 156 -38.68 -0.85 -57.40
N ASP E 157 -38.19 -1.26 -58.59
CA ASP E 157 -38.92 -1.30 -59.86
C ASP E 157 -39.60 0.03 -60.23
N GLY E 158 -38.89 1.12 -59.96
CA GLY E 158 -39.49 2.43 -60.14
C GLY E 158 -40.05 3.06 -58.88
N SER E 159 -41.36 2.90 -58.65
CA SER E 159 -42.05 3.58 -57.56
C SER E 159 -41.60 3.05 -56.19
N GLU E 160 -41.71 3.93 -55.19
CA GLU E 160 -41.20 3.63 -53.85
C GLU E 160 -42.09 2.61 -53.14
N ARG E 161 -41.45 1.82 -52.27
CA ARG E 161 -42.12 0.81 -51.46
C ARG E 161 -41.90 1.11 -49.99
N GLN E 162 -42.98 1.14 -49.21
CA GLN E 162 -42.94 1.49 -47.80
C GLN E 162 -43.65 0.44 -46.95
N ASN E 163 -43.62 -0.82 -47.38
CA ASN E 163 -44.31 -1.91 -46.71
C ASN E 163 -43.35 -3.04 -46.45
N GLY E 164 -43.44 -3.63 -45.25
CA GLY E 164 -42.59 -4.74 -44.86
C GLY E 164 -41.13 -4.38 -44.69
N VAL E 165 -40.84 -3.25 -44.04
CA VAL E 165 -39.48 -2.77 -43.87
C VAL E 165 -39.13 -2.83 -42.38
N LEU E 166 -37.93 -3.34 -42.09
CA LEU E 166 -37.45 -3.41 -40.71
C LEU E 166 -36.08 -2.74 -40.64
N ASN E 167 -35.98 -1.66 -39.87
CA ASN E 167 -34.74 -0.94 -39.70
C ASN E 167 -34.14 -1.24 -38.34
N SER E 168 -32.86 -1.64 -38.32
CA SER E 168 -32.16 -2.01 -37.11
C SER E 168 -30.91 -1.15 -36.97
N TRP E 169 -30.77 -0.52 -35.80
CA TRP E 169 -29.61 0.27 -35.44
C TRP E 169 -28.58 -0.60 -34.74
N THR E 170 -27.50 0.03 -34.28
CA THR E 170 -26.51 -0.62 -33.44
C THR E 170 -26.11 0.34 -32.33
N ASP E 171 -25.31 -0.16 -31.39
CA ASP E 171 -24.72 0.68 -30.37
C ASP E 171 -23.44 1.32 -30.88
N GLN E 172 -22.86 2.20 -30.06
CA GLN E 172 -21.59 2.82 -30.40
C GLN E 172 -20.46 1.81 -30.32
N ASP E 173 -19.48 1.98 -31.20
CA ASP E 173 -18.36 1.05 -31.28
C ASP E 173 -17.34 1.46 -30.23
N SER E 174 -16.63 0.47 -29.69
CA SER E 174 -15.69 0.68 -28.60
C SER E 174 -14.27 0.96 -29.07
N LYS E 175 -14.02 0.96 -30.38
CA LYS E 175 -12.70 1.25 -30.91
C LYS E 175 -12.67 2.52 -31.76
N ASP E 176 -13.71 2.76 -32.57
CA ASP E 176 -13.75 3.94 -33.42
C ASP E 176 -15.07 4.71 -33.39
N SER E 177 -16.07 4.23 -32.64
CA SER E 177 -17.31 4.93 -32.29
C SER E 177 -18.12 5.30 -33.53
N THR E 178 -18.54 4.25 -34.25
CA THR E 178 -19.39 4.39 -35.42
C THR E 178 -20.66 3.57 -35.26
N TYR E 179 -21.65 3.90 -36.08
CA TYR E 179 -22.94 3.22 -36.11
C TYR E 179 -22.99 2.19 -37.24
N SER E 180 -24.13 1.51 -37.34
CA SER E 180 -24.39 0.57 -38.43
C SER E 180 -25.90 0.44 -38.61
N MET E 181 -26.31 0.16 -39.84
CA MET E 181 -27.72 0.06 -40.21
C MET E 181 -28.01 -1.29 -40.87
N SER E 182 -29.22 -1.79 -40.62
CA SER E 182 -29.72 -2.98 -41.30
C SER E 182 -31.16 -2.73 -41.71
N SER E 183 -31.39 -2.54 -43.01
CA SER E 183 -32.72 -2.22 -43.53
C SER E 183 -33.24 -3.41 -44.33
N THR E 184 -33.94 -4.32 -43.65
CA THR E 184 -34.41 -5.55 -44.26
C THR E 184 -35.77 -5.35 -44.92
N LEU E 185 -35.90 -5.83 -46.15
CA LEU E 185 -37.16 -5.90 -46.87
C LEU E 185 -37.38 -7.34 -47.30
N THR E 186 -38.51 -7.92 -46.91
CA THR E 186 -38.82 -9.32 -47.16
C THR E 186 -39.91 -9.41 -48.22
N LEU E 187 -39.65 -10.17 -49.28
CA LEU E 187 -40.55 -10.32 -50.41
C LEU E 187 -40.84 -11.80 -50.67
N THR E 188 -41.96 -12.04 -51.34
CA THR E 188 -42.32 -13.38 -51.75
C THR E 188 -41.58 -13.77 -53.03
N LYS E 189 -41.83 -14.99 -53.50
CA LYS E 189 -41.18 -15.46 -54.73
C LYS E 189 -41.75 -14.76 -55.96
N ASP E 190 -43.07 -14.63 -56.03
CA ASP E 190 -43.70 -13.97 -57.17
C ASP E 190 -43.41 -12.47 -57.19
N GLU E 191 -43.32 -11.85 -56.02
CA GLU E 191 -42.96 -10.43 -55.95
C GLU E 191 -41.52 -10.20 -56.40
N TYR E 192 -40.61 -11.11 -56.04
CA TYR E 192 -39.23 -11.00 -56.49
C TYR E 192 -39.09 -11.30 -57.97
N GLU E 193 -39.92 -12.20 -58.51
CA GLU E 193 -39.88 -12.48 -59.94
C GLU E 193 -40.52 -11.39 -60.77
N ARG E 194 -41.50 -10.67 -60.21
CA ARG E 194 -42.23 -9.64 -60.95
C ARG E 194 -41.48 -8.32 -61.04
N HIS E 195 -40.41 -8.15 -60.28
CA HIS E 195 -39.66 -6.88 -60.27
C HIS E 195 -38.18 -7.17 -60.44
N ASN E 196 -37.49 -6.26 -61.12
CA ASN E 196 -36.07 -6.43 -61.41
C ASN E 196 -35.21 -5.32 -60.83
N SER E 197 -35.58 -4.06 -61.03
CA SER E 197 -34.73 -2.92 -60.65
C SER E 197 -34.93 -2.63 -59.17
N TYR E 198 -34.13 -3.28 -58.33
CA TYR E 198 -34.14 -3.02 -56.90
C TYR E 198 -33.15 -1.90 -56.59
N THR E 199 -33.64 -0.75 -56.13
CA THR E 199 -32.75 0.35 -55.78
C THR E 199 -32.89 0.69 -54.30
N CYS E 200 -31.78 1.12 -53.70
CA CYS E 200 -31.74 1.50 -52.30
CA CYS E 200 -31.74 1.50 -52.30
C CYS E 200 -31.10 2.89 -52.17
N GLU E 201 -31.73 3.77 -51.39
CA GLU E 201 -31.18 5.09 -51.16
C GLU E 201 -31.23 5.43 -49.67
N ALA E 202 -30.39 6.38 -49.28
CA ALA E 202 -30.32 6.82 -47.89
C ALA E 202 -30.10 8.32 -47.83
N THR E 203 -31.04 9.03 -47.22
CA THR E 203 -30.91 10.47 -47.03
C THR E 203 -30.21 10.73 -45.70
N HIS E 204 -29.12 11.51 -45.75
CA HIS E 204 -28.28 11.79 -44.61
C HIS E 204 -27.97 13.28 -44.56
N LYS E 205 -27.71 13.78 -43.36
CA LYS E 205 -27.39 15.19 -43.21
C LYS E 205 -25.97 15.51 -43.67
N THR E 206 -25.06 14.54 -43.62
CA THR E 206 -23.69 14.78 -44.08
C THR E 206 -23.62 14.82 -45.60
N SER E 207 -24.31 13.90 -46.27
CA SER E 207 -24.30 13.84 -47.72
C SER E 207 -25.24 14.90 -48.29
N THR E 208 -24.74 15.64 -49.29
CA THR E 208 -25.59 16.63 -49.95
C THR E 208 -26.66 15.98 -50.82
N SER E 209 -26.37 14.80 -51.37
CA SER E 209 -27.30 14.05 -52.18
C SER E 209 -27.37 12.61 -51.66
N PRO E 210 -28.51 11.95 -51.83
CA PRO E 210 -28.62 10.55 -51.42
C PRO E 210 -27.77 9.65 -52.31
N ILE E 211 -26.98 8.78 -51.68
CA ILE E 211 -26.12 7.86 -52.42
C ILE E 211 -26.99 6.72 -52.98
N VAL E 212 -26.88 6.49 -54.28
CA VAL E 212 -27.72 5.53 -54.98
C VAL E 212 -26.93 4.26 -55.23
N LYS E 213 -27.46 3.14 -54.75
CA LYS E 213 -26.89 1.82 -55.00
C LYS E 213 -28.02 0.88 -55.41
N SER E 214 -27.82 0.18 -56.52
CA SER E 214 -28.86 -0.65 -57.10
C SER E 214 -28.30 -2.01 -57.51
N PHE E 215 -29.19 -3.00 -57.52
CA PHE E 215 -28.89 -4.35 -58.00
C PHE E 215 -30.05 -4.80 -58.86
N ASN E 216 -29.75 -5.46 -59.98
CA ASN E 216 -30.77 -5.95 -60.91
C ASN E 216 -30.67 -7.46 -61.04
N ARG E 217 -31.82 -8.12 -61.18
CA ARG E 217 -31.89 -9.57 -61.08
C ARG E 217 -31.35 -10.25 -62.33
N ASN E 218 -31.65 -9.71 -63.52
CA ASN E 218 -31.35 -10.43 -64.76
C ASN E 218 -29.86 -10.48 -65.06
N GLU E 219 -29.09 -9.49 -64.62
CA GLU E 219 -27.64 -9.57 -64.73
C GLU E 219 -27.01 -10.40 -63.62
N CYS E 220 -27.75 -10.69 -62.56
CA CYS E 220 -27.37 -11.51 -61.40
C CYS E 220 -26.00 -11.22 -60.77
N GLU F 1 -9.64 -13.56 -8.18
CA GLU F 1 -9.97 -14.93 -8.55
C GLU F 1 -11.43 -15.25 -8.23
N VAL F 2 -12.17 -14.24 -7.80
CA VAL F 2 -13.59 -14.40 -7.48
C VAL F 2 -14.39 -14.37 -8.77
N GLN F 3 -15.14 -15.43 -9.02
CA GLN F 3 -15.91 -15.56 -10.25
C GLN F 3 -17.23 -16.24 -9.96
N LEU F 4 -18.33 -15.62 -10.38
CA LEU F 4 -19.67 -16.20 -10.28
C LEU F 4 -20.16 -16.56 -11.67
N GLN F 5 -20.54 -17.82 -11.85
CA GLN F 5 -21.05 -18.31 -13.12
C GLN F 5 -22.52 -18.67 -12.96
N GLN F 6 -23.34 -18.21 -13.90
CA GLN F 6 -24.78 -18.45 -13.85
C GLN F 6 -25.14 -19.59 -14.80
N SER F 7 -26.45 -19.84 -14.95
CA SER F 7 -26.90 -21.04 -15.66
C SER F 7 -26.89 -20.84 -17.16
N GLY F 8 -27.70 -19.91 -17.66
CA GLY F 8 -27.81 -19.69 -19.09
C GLY F 8 -29.20 -19.26 -19.49
N PRO F 9 -29.42 -19.05 -20.78
CA PRO F 9 -30.73 -18.58 -21.24
C PRO F 9 -31.79 -19.67 -21.16
N GLU F 10 -33.01 -19.25 -20.83
CA GLU F 10 -34.10 -20.21 -20.66
C GLU F 10 -35.41 -19.59 -21.12
N LEU F 11 -36.18 -20.36 -21.89
CA LEU F 11 -37.55 -20.03 -22.22
C LEU F 11 -38.47 -20.75 -21.24
N VAL F 12 -39.35 -20.01 -20.59
CA VAL F 12 -40.29 -20.59 -19.65
C VAL F 12 -41.72 -20.21 -20.05
N LYS F 13 -42.63 -21.14 -19.80
CA LYS F 13 -44.05 -20.91 -20.00
C LYS F 13 -44.60 -20.05 -18.86
N PRO F 14 -45.70 -19.34 -19.08
CA PRO F 14 -46.36 -18.65 -17.97
C PRO F 14 -46.87 -19.62 -16.91
N GLY F 15 -46.72 -19.22 -15.65
CA GLY F 15 -47.11 -20.06 -14.54
C GLY F 15 -46.08 -21.10 -14.13
N ALA F 16 -44.91 -21.12 -14.75
CA ALA F 16 -43.88 -22.10 -14.44
C ALA F 16 -42.98 -21.58 -13.32
N SER F 17 -41.86 -22.25 -13.09
CA SER F 17 -40.90 -21.84 -12.08
C SER F 17 -39.50 -22.19 -12.57
N MET F 18 -38.66 -21.17 -12.78
CA MET F 18 -37.31 -21.34 -13.26
C MET F 18 -36.34 -21.13 -12.12
N LYS F 19 -35.40 -22.07 -11.95
CA LYS F 19 -34.39 -22.00 -10.91
C LYS F 19 -33.07 -21.52 -11.53
N ILE F 20 -32.53 -20.44 -10.98
CA ILE F 20 -31.31 -19.84 -11.50
C ILE F 20 -30.16 -20.17 -10.57
N SER F 21 -29.12 -20.80 -11.11
CA SER F 21 -27.95 -21.17 -10.34
C SER F 21 -26.89 -20.08 -10.40
N CYS F 22 -26.04 -20.05 -9.38
CA CYS F 22 -24.92 -19.10 -9.33
C CYS F 22 -23.77 -19.80 -8.59
N LYS F 23 -22.91 -20.46 -9.35
CA LYS F 23 -21.85 -21.29 -8.79
C LYS F 23 -20.62 -20.42 -8.54
N THR F 24 -20.45 -19.97 -7.31
CA THR F 24 -19.31 -19.16 -6.95
C THR F 24 -18.06 -20.03 -6.80
N SER F 25 -16.90 -19.39 -6.96
CA SER F 25 -15.63 -20.08 -6.87
C SER F 25 -14.54 -19.08 -6.52
N GLY F 26 -13.42 -19.61 -6.03
CA GLY F 26 -12.25 -18.80 -5.76
C GLY F 26 -12.20 -18.13 -4.42
N TYR F 27 -13.19 -18.34 -3.56
CA TYR F 27 -13.20 -17.70 -2.24
C TYR F 27 -13.95 -18.58 -1.26
N SER F 28 -13.77 -18.29 0.03
CA SER F 28 -14.53 -18.96 1.08
C SER F 28 -15.98 -18.52 0.99
N PHE F 29 -16.84 -19.44 0.55
CA PHE F 29 -18.18 -19.08 0.09
C PHE F 29 -19.08 -18.64 1.24
N THR F 30 -18.93 -19.25 2.41
CA THR F 30 -19.82 -18.99 3.54
C THR F 30 -19.24 -17.84 4.36
N GLY F 31 -19.89 -16.67 4.28
CA GLY F 31 -19.43 -15.52 5.02
C GLY F 31 -19.62 -14.20 4.31
N TYR F 32 -19.82 -14.25 3.00
CA TYR F 32 -20.08 -13.06 2.19
C TYR F 32 -21.60 -12.86 2.14
N THR F 33 -22.10 -12.06 1.20
CA THR F 33 -23.55 -11.89 1.05
C THR F 33 -23.90 -11.82 -0.42
N MET F 34 -24.67 -12.81 -0.89
CA MET F 34 -25.19 -12.78 -2.24
C MET F 34 -26.29 -11.72 -2.36
N ASN F 35 -26.50 -11.23 -3.57
CA ASN F 35 -27.45 -10.14 -3.82
C ASN F 35 -27.92 -10.26 -5.25
N TRP F 36 -29.23 -10.17 -5.48
CA TRP F 36 -29.79 -10.44 -6.79
C TRP F 36 -30.42 -9.19 -7.39
N VAL F 37 -30.17 -8.96 -8.68
CA VAL F 37 -30.60 -7.75 -9.37
C VAL F 37 -31.25 -8.14 -10.70
N LYS F 38 -32.43 -7.61 -10.97
CA LYS F 38 -33.18 -7.89 -12.20
C LYS F 38 -33.13 -6.69 -13.13
N GLN F 39 -32.76 -6.93 -14.39
CA GLN F 39 -32.67 -5.90 -15.41
C GLN F 39 -33.68 -6.22 -16.52
N SER F 40 -34.57 -5.29 -16.80
CA SER F 40 -35.67 -5.49 -17.73
C SER F 40 -35.63 -4.45 -18.84
N HIS F 41 -35.91 -4.90 -20.06
CA HIS F 41 -36.14 -4.11 -21.28
C HIS F 41 -34.91 -3.35 -21.77
N GLY F 42 -33.76 -3.46 -21.12
CA GLY F 42 -32.53 -2.84 -21.57
C GLY F 42 -32.02 -1.75 -20.64
N LYS F 43 -32.91 -0.85 -20.19
CA LYS F 43 -32.57 0.13 -19.16
C LYS F 43 -33.69 0.16 -18.12
N ASN F 44 -33.69 -0.81 -17.20
CA ASN F 44 -34.49 -0.74 -15.99
C ASN F 44 -33.86 -1.72 -14.99
N LEU F 45 -33.09 -1.20 -14.05
CA LEU F 45 -32.44 -2.03 -13.05
C LEU F 45 -33.26 -2.02 -11.78
N GLU F 46 -33.56 -3.21 -11.27
CA GLU F 46 -34.35 -3.36 -10.06
C GLU F 46 -33.63 -4.26 -9.08
N TRP F 47 -33.97 -4.11 -7.80
CA TRP F 47 -33.39 -4.91 -6.74
C TRP F 47 -34.40 -5.95 -6.27
N ILE F 48 -33.91 -7.14 -5.94
CA ILE F 48 -34.76 -8.25 -5.49
C ILE F 48 -34.53 -8.56 -4.02
N GLY F 49 -33.32 -8.99 -3.67
CA GLY F 49 -33.05 -9.36 -2.30
C GLY F 49 -31.64 -9.88 -2.12
N LEU F 50 -31.23 -9.93 -0.86
CA LEU F 50 -29.95 -10.49 -0.45
C LEU F 50 -30.19 -11.70 0.44
N ILE F 51 -29.15 -12.52 0.58
CA ILE F 51 -29.24 -13.70 1.42
C ILE F 51 -27.84 -14.04 1.95
N ASN F 52 -27.73 -14.24 3.25
CA ASN F 52 -26.49 -14.69 3.86
C ASN F 52 -26.29 -16.19 3.61
N PRO F 53 -25.13 -16.60 3.10
CA PRO F 53 -24.83 -18.05 3.02
C PRO F 53 -24.72 -18.75 4.37
N TYR F 54 -24.40 -18.03 5.45
CA TYR F 54 -24.28 -18.66 6.76
C TYR F 54 -25.66 -19.01 7.32
N ASN F 55 -26.50 -18.00 7.52
CA ASN F 55 -27.85 -18.17 8.02
C ASN F 55 -28.82 -18.35 6.86
N GLY F 56 -30.11 -18.22 7.15
CA GLY F 56 -31.10 -18.09 6.09
C GLY F 56 -31.62 -16.67 6.07
N ASP F 57 -30.76 -15.72 6.45
CA ASP F 57 -31.17 -14.33 6.63
C ASP F 57 -31.38 -13.67 5.28
N THR F 58 -32.64 -13.43 4.94
CA THR F 58 -33.01 -12.80 3.67
C THR F 58 -33.69 -11.46 3.95
N SER F 59 -33.76 -10.63 2.91
CA SER F 59 -34.47 -9.36 2.98
C SER F 59 -34.89 -9.00 1.57
N TYR F 60 -36.16 -9.18 1.26
CA TYR F 60 -36.64 -9.03 -0.11
C TYR F 60 -37.11 -7.62 -0.39
N ASN F 61 -37.44 -7.36 -1.65
CA ASN F 61 -38.04 -6.12 -2.09
C ASN F 61 -39.55 -6.18 -1.89
N GLN F 62 -40.17 -4.99 -1.83
CA GLN F 62 -41.61 -4.92 -1.63
C GLN F 62 -42.41 -5.42 -2.82
N LYS F 63 -41.84 -5.39 -4.02
CA LYS F 63 -42.48 -5.93 -5.21
C LYS F 63 -42.06 -7.37 -5.49
N PHE F 64 -41.23 -7.97 -4.63
CA PHE F 64 -40.74 -9.32 -4.82
C PHE F 64 -40.88 -10.14 -3.54
N LYS F 65 -41.91 -9.86 -2.73
CA LYS F 65 -42.10 -10.60 -1.50
C LYS F 65 -42.56 -12.02 -1.78
N GLY F 66 -43.54 -12.19 -2.66
CA GLY F 66 -44.02 -13.50 -3.04
C GLY F 66 -43.67 -13.94 -4.44
N LYS F 67 -42.83 -13.20 -5.15
CA LYS F 67 -42.45 -13.52 -6.51
C LYS F 67 -41.05 -14.11 -6.61
N ALA F 68 -40.33 -14.24 -5.51
CA ALA F 68 -38.94 -14.69 -5.56
C ALA F 68 -38.55 -15.30 -4.22
N THR F 69 -37.80 -16.40 -4.28
CA THR F 69 -37.18 -17.00 -3.10
C THR F 69 -35.70 -17.18 -3.38
N LEU F 70 -34.89 -17.03 -2.34
CA LEU F 70 -33.45 -17.17 -2.43
C LEU F 70 -33.00 -18.34 -1.56
N THR F 71 -32.13 -19.17 -2.12
CA THR F 71 -31.69 -20.40 -1.46
C THR F 71 -30.18 -20.53 -1.60
N VAL F 72 -29.54 -21.10 -0.58
CA VAL F 72 -28.10 -21.32 -0.55
C VAL F 72 -27.84 -22.80 -0.32
N ASP F 73 -27.00 -23.39 -1.17
CA ASP F 73 -26.59 -24.79 -1.06
C ASP F 73 -25.12 -24.72 -0.67
N LYS F 74 -24.80 -25.07 0.57
CA LYS F 74 -23.44 -25.00 1.08
C LYS F 74 -22.69 -26.31 0.91
N SER F 75 -22.73 -26.88 -0.28
CA SER F 75 -21.92 -28.06 -0.59
C SER F 75 -21.13 -27.89 -1.89
N SER F 76 -21.71 -27.23 -2.89
CA SER F 76 -21.03 -26.90 -4.13
C SER F 76 -20.87 -25.40 -4.32
N SER F 77 -21.14 -24.62 -3.27
CA SER F 77 -21.02 -23.15 -3.25
C SER F 77 -21.89 -22.50 -4.33
N THR F 78 -23.20 -22.70 -4.21
CA THR F 78 -24.14 -22.26 -5.23
C THR F 78 -25.29 -21.52 -4.59
N ALA F 79 -25.61 -20.35 -5.14
CA ALA F 79 -26.86 -19.66 -4.83
C ALA F 79 -27.94 -20.15 -5.77
N TYR F 80 -29.15 -20.34 -5.24
CA TYR F 80 -30.18 -21.14 -5.89
C TYR F 80 -31.52 -20.41 -5.90
N MET F 81 -31.52 -19.17 -6.39
CA MET F 81 -32.77 -18.42 -6.56
C MET F 81 -33.68 -19.10 -7.59
N GLU F 82 -34.94 -19.30 -7.21
CA GLU F 82 -35.99 -19.71 -8.13
C GLU F 82 -37.08 -18.64 -8.14
N LEU F 83 -37.80 -18.57 -9.26
CA LEU F 83 -38.83 -17.57 -9.46
C LEU F 83 -40.22 -18.23 -9.45
N LEU F 84 -41.21 -17.42 -9.10
CA LEU F 84 -42.59 -17.86 -8.99
C LEU F 84 -43.49 -16.99 -9.85
N SER F 85 -44.44 -17.64 -10.54
CA SER F 85 -45.50 -17.00 -11.34
C SER F 85 -44.90 -16.10 -12.44
N LEU F 86 -44.21 -16.76 -13.36
CA LEU F 86 -43.49 -16.07 -14.42
C LEU F 86 -44.45 -15.48 -15.45
N THR F 87 -44.91 -14.26 -15.22
CA THR F 87 -45.78 -13.58 -16.16
C THR F 87 -44.96 -12.96 -17.28
N SER F 88 -45.65 -12.21 -18.16
CA SER F 88 -45.01 -11.62 -19.33
C SER F 88 -44.06 -10.48 -19.00
N GLU F 89 -44.11 -9.94 -17.79
CA GLU F 89 -43.22 -8.86 -17.37
C GLU F 89 -41.90 -9.36 -16.84
N ASP F 90 -41.69 -10.68 -16.77
CA ASP F 90 -40.50 -11.26 -16.19
C ASP F 90 -39.45 -11.66 -17.23
N SER F 91 -39.65 -11.31 -18.49
CA SER F 91 -38.65 -11.56 -19.53
C SER F 91 -37.48 -10.61 -19.31
N ALA F 92 -36.42 -11.10 -18.68
CA ALA F 92 -35.42 -10.20 -18.12
C ALA F 92 -34.10 -10.92 -17.95
N VAL F 93 -33.06 -10.14 -17.65
CA VAL F 93 -31.75 -10.65 -17.28
C VAL F 93 -31.61 -10.56 -15.77
N TYR F 94 -30.96 -11.55 -15.17
CA TYR F 94 -30.82 -11.62 -13.73
C TYR F 94 -29.35 -11.77 -13.37
N TYR F 95 -28.90 -11.01 -12.37
CA TYR F 95 -27.50 -10.94 -12.00
C TYR F 95 -27.32 -11.26 -10.52
N CYS F 96 -26.25 -12.00 -10.23
CA CYS F 96 -25.72 -12.10 -8.87
C CYS F 96 -24.70 -11.00 -8.66
N GLU F 97 -24.52 -10.63 -7.39
CA GLU F 97 -23.41 -9.77 -7.00
C GLU F 97 -23.10 -10.05 -5.54
N VAL F 98 -21.87 -9.74 -5.13
CA VAL F 98 -21.43 -10.08 -3.79
C VAL F 98 -21.20 -8.83 -2.95
N ILE F 99 -20.21 -8.03 -3.32
CA ILE F 99 -19.85 -6.85 -2.53
C ILE F 99 -20.09 -5.64 -3.41
N ASN F 100 -21.10 -5.73 -4.28
CA ASN F 100 -21.47 -4.79 -5.34
C ASN F 100 -20.41 -4.65 -6.43
N THR F 101 -19.37 -5.49 -6.42
CA THR F 101 -18.29 -5.44 -7.38
C THR F 101 -18.22 -6.67 -8.28
N TYR F 102 -18.18 -7.85 -7.69
CA TYR F 102 -18.07 -9.10 -8.46
C TYR F 102 -19.47 -9.51 -8.89
N TRP F 103 -19.82 -9.20 -10.12
CA TRP F 103 -21.15 -9.51 -10.65
C TRP F 103 -21.13 -10.85 -11.38
N GLY F 104 -22.31 -11.27 -11.85
CA GLY F 104 -22.44 -12.50 -12.60
C GLY F 104 -22.56 -12.24 -14.09
N GLN F 105 -22.54 -13.33 -14.85
CA GLN F 105 -22.62 -13.22 -16.31
C GLN F 105 -24.00 -12.83 -16.79
N GLY F 106 -25.03 -13.08 -16.01
CA GLY F 106 -26.39 -12.70 -16.39
C GLY F 106 -27.18 -13.82 -17.02
N THR F 107 -28.26 -14.23 -16.38
CA THR F 107 -29.13 -15.27 -16.89
C THR F 107 -30.32 -14.60 -17.57
N LEU F 108 -30.54 -14.90 -18.84
CA LEU F 108 -31.65 -14.34 -19.60
C LEU F 108 -32.80 -15.33 -19.59
N VAL F 109 -33.97 -14.88 -19.14
CA VAL F 109 -35.17 -15.69 -19.14
C VAL F 109 -36.23 -15.00 -19.99
N THR F 110 -36.90 -15.78 -20.84
CA THR F 110 -37.92 -15.27 -21.75
C THR F 110 -39.23 -15.99 -21.48
N VAL F 111 -40.28 -15.23 -21.26
CA VAL F 111 -41.61 -15.76 -21.00
C VAL F 111 -42.42 -15.62 -22.28
N SER F 112 -42.69 -16.74 -22.94
CA SER F 112 -43.42 -16.75 -24.20
C SER F 112 -44.03 -18.13 -24.38
N ALA F 113 -44.99 -18.21 -25.31
CA ALA F 113 -45.64 -19.45 -25.67
C ALA F 113 -45.26 -19.76 -27.12
N ALA F 114 -44.11 -20.41 -27.29
CA ALA F 114 -43.58 -20.74 -28.62
C ALA F 114 -42.67 -21.95 -28.46
N LYS F 115 -41.91 -22.25 -29.51
CA LYS F 115 -40.98 -23.37 -29.53
C LYS F 115 -39.57 -22.87 -29.81
N THR F 116 -38.58 -23.65 -29.38
CA THR F 116 -37.18 -23.35 -29.65
C THR F 116 -36.87 -23.73 -31.09
N THR F 117 -37.06 -22.77 -31.98
CA THR F 117 -36.87 -22.96 -33.42
C THR F 117 -35.40 -22.97 -33.81
N PRO F 118 -34.96 -23.89 -34.67
CA PRO F 118 -33.62 -23.81 -35.24
C PRO F 118 -33.41 -22.52 -36.02
N PRO F 119 -32.19 -22.00 -36.04
CA PRO F 119 -31.91 -20.84 -36.91
C PRO F 119 -31.83 -21.22 -38.39
N SER F 120 -32.75 -20.70 -39.19
CA SER F 120 -32.75 -20.96 -40.63
C SER F 120 -31.84 -19.94 -41.31
N VAL F 121 -30.54 -20.18 -41.22
CA VAL F 121 -29.55 -19.26 -41.76
C VAL F 121 -29.48 -19.43 -43.28
N TYR F 122 -29.44 -18.30 -43.99
CA TYR F 122 -29.31 -18.29 -45.44
C TYR F 122 -28.09 -17.45 -45.81
N PRO F 123 -26.89 -18.04 -45.79
CA PRO F 123 -25.69 -17.30 -46.22
C PRO F 123 -25.66 -17.09 -47.73
N LEU F 124 -25.90 -15.87 -48.17
CA LEU F 124 -26.02 -15.56 -49.57
C LEU F 124 -24.74 -14.90 -50.07
N ALA F 125 -24.73 -14.53 -51.35
CA ALA F 125 -23.51 -14.08 -52.00
C ALA F 125 -23.74 -12.77 -52.73
N PRO F 126 -22.70 -11.94 -52.85
CA PRO F 126 -22.80 -10.75 -53.71
C PRO F 126 -22.90 -11.14 -55.18
N GLY F 127 -23.76 -10.44 -55.91
CA GLY F 127 -23.99 -10.77 -57.31
C GLY F 127 -23.25 -9.89 -58.29
N SER F 128 -22.13 -10.42 -58.82
CA SER F 128 -21.32 -9.80 -59.88
C SER F 128 -20.82 -8.41 -59.48
N ALA F 129 -20.08 -8.38 -58.38
CA ALA F 129 -19.49 -7.11 -57.93
C ALA F 129 -18.34 -6.69 -58.81
N ALA F 130 -17.48 -7.66 -59.20
CA ALA F 130 -16.33 -7.47 -60.10
C ALA F 130 -15.32 -6.45 -59.56
N GLN F 131 -15.26 -6.29 -58.24
CA GLN F 131 -14.34 -5.34 -57.61
C GLN F 131 -14.13 -5.79 -56.18
N THR F 132 -12.93 -6.25 -55.86
CA THR F 132 -12.58 -6.70 -54.51
C THR F 132 -11.39 -5.90 -54.02
N ASN F 133 -11.58 -5.16 -52.94
CA ASN F 133 -10.55 -4.34 -52.32
C ASN F 133 -10.16 -4.94 -50.97
N SER F 134 -9.31 -4.22 -50.24
CA SER F 134 -8.85 -4.67 -48.93
C SER F 134 -9.85 -4.39 -47.81
N MET F 135 -10.98 -3.77 -48.15
CA MET F 135 -12.02 -3.48 -47.12
C MET F 135 -13.38 -3.88 -47.69
N VAL F 136 -13.46 -5.06 -48.31
CA VAL F 136 -14.71 -5.46 -48.94
C VAL F 136 -15.63 -6.08 -47.90
N THR F 137 -16.86 -5.58 -47.83
CA THR F 137 -17.80 -5.95 -46.77
C THR F 137 -18.61 -7.16 -47.20
N LEU F 138 -18.59 -8.21 -46.38
CA LEU F 138 -19.39 -9.41 -46.64
C LEU F 138 -20.19 -9.76 -45.41
N GLY F 139 -21.39 -10.28 -45.63
CA GLY F 139 -22.32 -10.48 -44.53
C GLY F 139 -23.02 -11.82 -44.60
N CYS F 140 -23.42 -12.30 -43.43
CA CYS F 140 -24.22 -13.50 -43.26
C CYS F 140 -25.52 -13.12 -42.58
N LEU F 141 -26.64 -13.57 -43.15
CA LEU F 141 -27.97 -13.26 -42.63
C LEU F 141 -28.63 -14.54 -42.12
N VAL F 142 -29.26 -14.45 -40.96
CA VAL F 142 -29.99 -15.57 -40.37
C VAL F 142 -31.41 -15.10 -40.05
N LYS F 143 -32.40 -15.90 -40.44
CA LYS F 143 -33.80 -15.58 -40.26
C LYS F 143 -34.52 -16.74 -39.60
N GLY F 144 -35.57 -16.41 -38.86
CA GLY F 144 -36.45 -17.43 -38.30
C GLY F 144 -35.87 -18.27 -37.19
N TYR F 145 -35.61 -17.66 -36.03
CA TYR F 145 -35.12 -18.39 -34.87
C TYR F 145 -35.80 -17.84 -33.61
N PHE F 146 -35.79 -18.66 -32.57
CA PHE F 146 -36.40 -18.33 -31.29
C PHE F 146 -35.84 -19.27 -30.24
N PRO F 147 -35.50 -18.77 -29.04
CA PRO F 147 -35.48 -17.37 -28.59
C PRO F 147 -34.09 -16.75 -28.69
N GLU F 148 -33.91 -15.59 -28.05
CA GLU F 148 -32.59 -15.01 -27.89
C GLU F 148 -31.76 -15.88 -26.93
N PRO F 149 -30.42 -15.91 -27.11
CA PRO F 149 -29.60 -15.30 -28.16
C PRO F 149 -29.01 -16.32 -29.13
N VAL F 150 -28.25 -15.84 -30.11
CA VAL F 150 -27.46 -16.68 -30.99
C VAL F 150 -26.00 -16.22 -30.94
N THR F 151 -25.10 -17.17 -30.72
CA THR F 151 -23.67 -16.86 -30.64
C THR F 151 -23.09 -16.83 -32.05
N VAL F 152 -23.28 -15.70 -32.71
CA VAL F 152 -22.87 -15.54 -34.09
C VAL F 152 -21.42 -15.07 -34.13
N THR F 153 -20.56 -15.86 -34.77
CA THR F 153 -19.15 -15.53 -34.93
C THR F 153 -18.70 -16.02 -36.29
N TRP F 154 -17.51 -15.56 -36.71
CA TRP F 154 -16.98 -15.86 -38.03
C TRP F 154 -15.73 -16.71 -37.92
N ASN F 155 -15.74 -17.87 -38.60
CA ASN F 155 -14.62 -18.81 -38.69
C ASN F 155 -14.13 -19.25 -37.30
N SER F 156 -15.08 -19.62 -36.44
CA SER F 156 -14.84 -20.05 -35.06
C SER F 156 -14.09 -19.01 -34.24
N GLY F 157 -14.43 -17.74 -34.43
CA GLY F 157 -13.92 -16.68 -33.58
C GLY F 157 -12.56 -16.13 -33.94
N SER F 158 -12.03 -16.45 -35.12
CA SER F 158 -10.73 -15.91 -35.50
C SER F 158 -10.84 -14.44 -35.92
N LEU F 159 -11.92 -14.07 -36.59
CA LEU F 159 -12.14 -12.69 -37.03
C LEU F 159 -12.72 -11.91 -35.86
N SER F 160 -11.85 -11.43 -34.99
CA SER F 160 -12.24 -10.66 -33.82
C SER F 160 -12.25 -9.16 -34.05
N SER F 161 -11.93 -8.71 -35.25
CA SER F 161 -11.87 -7.28 -35.57
C SER F 161 -12.66 -7.01 -36.84
N GLY F 162 -13.30 -5.84 -36.87
CA GLY F 162 -14.04 -5.42 -38.04
C GLY F 162 -15.36 -6.14 -38.26
N VAL F 163 -15.89 -6.81 -37.23
CA VAL F 163 -17.14 -7.54 -37.33
C VAL F 163 -18.25 -6.68 -36.76
N HIS F 164 -19.38 -6.59 -37.48
CA HIS F 164 -20.53 -5.80 -37.08
C HIS F 164 -21.73 -6.73 -36.93
N THR F 165 -22.03 -7.11 -35.69
CA THR F 165 -23.17 -7.96 -35.39
C THR F 165 -24.36 -7.10 -34.99
N PHE F 166 -25.53 -7.42 -35.54
CA PHE F 166 -26.71 -6.60 -35.36
C PHE F 166 -27.66 -7.22 -34.34
N PRO F 167 -28.41 -6.38 -33.61
CA PRO F 167 -29.42 -6.91 -32.70
C PRO F 167 -30.58 -7.57 -33.45
N ALA F 168 -31.24 -8.49 -32.76
CA ALA F 168 -32.35 -9.22 -33.34
C ALA F 168 -33.56 -8.31 -33.53
N VAL F 169 -34.26 -8.50 -34.64
CA VAL F 169 -35.47 -7.75 -34.96
C VAL F 169 -36.65 -8.70 -34.86
N LEU F 170 -37.69 -8.27 -34.15
CA LEU F 170 -38.86 -9.10 -33.88
C LEU F 170 -39.97 -8.76 -34.86
N GLN F 171 -40.44 -9.76 -35.59
CA GLN F 171 -41.67 -9.65 -36.38
C GLN F 171 -42.30 -11.02 -36.50
N SER F 172 -43.63 -11.06 -36.35
CA SER F 172 -44.46 -12.29 -36.39
C SER F 172 -43.98 -13.33 -35.38
N ASP F 173 -43.59 -12.85 -34.18
CA ASP F 173 -42.99 -13.66 -33.12
C ASP F 173 -41.75 -14.41 -33.61
N LEU F 174 -40.95 -13.74 -34.44
CA LEU F 174 -39.78 -14.34 -35.05
C LEU F 174 -38.64 -13.33 -35.03
N TYR F 175 -37.41 -13.84 -35.05
CA TYR F 175 -36.21 -13.03 -34.88
C TYR F 175 -35.37 -13.08 -36.15
N THR F 176 -34.96 -11.90 -36.62
CA THR F 176 -34.07 -11.78 -37.77
C THR F 176 -32.78 -11.11 -37.34
N LEU F 177 -31.65 -11.57 -37.90
CA LEU F 177 -30.35 -11.06 -37.51
C LEU F 177 -29.42 -11.09 -38.72
N SER F 178 -28.43 -10.19 -38.73
CA SER F 178 -27.44 -10.15 -39.79
C SER F 178 -26.10 -9.73 -39.20
N SER F 179 -25.03 -10.10 -39.90
CA SER F 179 -23.67 -9.74 -39.49
C SER F 179 -22.83 -9.41 -40.72
N SER F 180 -21.85 -8.52 -40.54
CA SER F 180 -20.95 -8.14 -41.62
C SER F 180 -19.54 -7.96 -41.11
N VAL F 181 -18.57 -8.45 -41.87
CA VAL F 181 -17.15 -8.24 -41.63
C VAL F 181 -16.54 -7.58 -42.87
N THR F 182 -15.63 -6.64 -42.63
CA THR F 182 -14.83 -6.05 -43.72
C THR F 182 -13.59 -6.92 -43.89
N VAL F 183 -13.61 -7.78 -44.90
CA VAL F 183 -12.53 -8.73 -45.15
C VAL F 183 -11.56 -8.09 -46.14
N PRO F 184 -10.27 -8.41 -46.06
CA PRO F 184 -9.35 -7.98 -47.13
C PRO F 184 -9.50 -8.81 -48.39
N SER F 185 -8.82 -8.35 -49.44
CA SER F 185 -8.89 -9.02 -50.73
C SER F 185 -8.09 -10.31 -50.76
N SER F 186 -7.03 -10.40 -49.96
CA SER F 186 -6.17 -11.58 -49.99
C SER F 186 -6.82 -12.80 -49.34
N THR F 187 -7.78 -12.59 -48.43
CA THR F 187 -8.44 -13.68 -47.74
C THR F 187 -9.81 -13.99 -48.32
N TRP F 188 -10.19 -13.36 -49.43
CA TRP F 188 -11.48 -13.61 -50.04
C TRP F 188 -11.39 -13.57 -51.56
N PRO F 189 -11.74 -14.65 -52.26
CA PRO F 189 -12.21 -15.95 -51.74
C PRO F 189 -11.07 -16.97 -51.66
N SER F 190 -9.84 -16.52 -51.44
CA SER F 190 -8.71 -17.43 -51.34
C SER F 190 -8.73 -18.23 -50.05
N GLU F 191 -9.06 -17.56 -48.94
CA GLU F 191 -9.16 -18.22 -47.64
C GLU F 191 -10.61 -18.57 -47.33
N THR F 192 -10.77 -19.50 -46.39
CA THR F 192 -12.09 -20.01 -46.03
C THR F 192 -12.78 -19.01 -45.11
N VAL F 193 -13.90 -18.45 -45.57
CA VAL F 193 -14.72 -17.53 -44.78
C VAL F 193 -16.03 -18.23 -44.46
N THR F 194 -16.30 -18.42 -43.17
CA THR F 194 -17.45 -19.18 -42.70
C THR F 194 -18.16 -18.39 -41.63
N CYS F 195 -19.46 -18.16 -41.81
CA CYS F 195 -20.28 -17.58 -40.76
C CYS F 195 -20.86 -18.71 -39.91
N ASN F 196 -20.70 -18.59 -38.59
CA ASN F 196 -21.11 -19.62 -37.65
C ASN F 196 -22.13 -19.04 -36.69
N VAL F 197 -23.27 -19.73 -36.55
CA VAL F 197 -24.27 -19.38 -35.56
C VAL F 197 -24.36 -20.52 -34.55
N ALA F 198 -24.92 -20.21 -33.39
CA ALA F 198 -25.02 -21.20 -32.31
C ALA F 198 -26.25 -20.87 -31.48
N HIS F 199 -27.26 -21.73 -31.55
CA HIS F 199 -28.46 -21.56 -30.76
C HIS F 199 -28.39 -22.51 -29.57
N PRO F 200 -28.23 -22.02 -28.34
CA PRO F 200 -28.14 -22.93 -27.19
C PRO F 200 -29.46 -23.58 -26.83
N ALA F 201 -30.59 -22.95 -27.16
CA ALA F 201 -31.89 -23.56 -26.87
C ALA F 201 -32.18 -24.71 -27.84
N SER F 202 -31.86 -24.53 -29.12
CA SER F 202 -32.06 -25.59 -30.11
C SER F 202 -30.92 -26.59 -30.14
N SER F 203 -29.79 -26.27 -29.48
CA SER F 203 -28.60 -27.11 -29.37
C SER F 203 -28.05 -27.48 -30.76
N THR F 204 -27.69 -26.45 -31.51
CA THR F 204 -27.14 -26.61 -32.85
C THR F 204 -25.84 -25.83 -32.98
N LYS F 205 -25.00 -26.26 -33.91
CA LYS F 205 -23.71 -25.65 -34.18
C LYS F 205 -23.49 -25.53 -35.68
N VAL F 206 -24.51 -25.07 -36.39
CA VAL F 206 -24.44 -24.99 -37.85
C VAL F 206 -23.59 -23.80 -38.26
N ASP F 207 -22.63 -24.06 -39.16
CA ASP F 207 -21.75 -23.04 -39.69
C ASP F 207 -21.60 -23.27 -41.18
N LYS F 208 -21.63 -22.18 -41.96
CA LYS F 208 -21.58 -22.32 -43.41
C LYS F 208 -20.59 -21.34 -44.01
N LYS F 209 -19.81 -21.84 -44.97
CA LYS F 209 -18.87 -21.01 -45.70
C LYS F 209 -19.59 -20.23 -46.79
N ILE F 210 -19.25 -18.95 -46.91
CA ILE F 210 -19.87 -18.11 -47.94
C ILE F 210 -19.15 -18.35 -49.27
N VAL F 211 -19.91 -18.68 -50.31
CA VAL F 211 -19.38 -19.02 -51.61
C VAL F 211 -20.00 -18.06 -52.63
N PRO F 212 -19.19 -17.33 -53.40
CA PRO F 212 -19.76 -16.40 -54.38
C PRO F 212 -20.32 -17.10 -55.60
N ARG F 213 -21.25 -16.42 -56.26
CA ARG F 213 -21.89 -16.96 -57.46
C ARG F 213 -20.98 -16.83 -58.66
#